data_5N9R
#
_entry.id   5N9R
#
_cell.length_a   74.940
_cell.length_b   66.940
_cell.length_c   81.090
_cell.angle_alpha   90.00
_cell.angle_beta   105.09
_cell.angle_gamma   90.00
#
_symmetry.space_group_name_H-M   'P 1 21 1'
#
loop_
_entity.id
_entity.type
_entity.pdbx_description
1 polymer 'Ubiquitin carboxyl-terminal hydrolase 7'
2 non-polymer 'SULFATE ION'
3 non-polymer GLYCEROL
4 non-polymer 7-bromanyl-3-[[4-oxidanyl-1-[(3~{R})-3-phenylbutanoyl]piperidin-4-yl]methyl]thieno[3,2-d]pyrimidin-4-one
5 non-polymer 'DIMETHYL SULFOXIDE'
6 water water
#
_entity_poly.entity_id   1
_entity_poly.type   'polypeptide(L)'
_entity_poly.pdbx_seq_one_letter_code
;MSKKHTGYVGLKNQGATCYMNSLLQTLFFTNQLRKAVYMMPTEGDDSSKSVPLALQRVFYELQHSDKPVGTKKLTKSFGW
ETLDSFMQHDVQELCRVLLDNVENKMKGTCVEGTIPKLFRGKMVSYIQCKEVDYRSDRREDYYDIQLSIKGKKNIFESFV
DYVAVEQLDGDNKYDAGEHGLQEAEKGVKFLTLPPVLHLQLMRFMYDPQTDQNIKINDRFEFPEQLPLDEFLQKTDPKDP
ANYILHAVLVHSGDNHGGHYVVYLNPKGDGKWCKFDDDVVSRCTKEEAIEHNYGGHDDDLSVRHCTNAYMLVYIRESKLS
EVLQAVTDHDIPQQLVERLQEEKRIEAQKRKERQEHH
;
_entity_poly.pdbx_strand_id   A,B
#
# COMPACT_ATOMS: atom_id res chain seq x y z
N MET A 1 6.51 -21.87 -12.70
CA MET A 1 7.00 -21.44 -14.05
C MET A 1 7.54 -20.00 -13.99
N SER A 2 7.05 -19.06 -14.82
CA SER A 2 7.58 -17.69 -14.83
C SER A 2 7.28 -16.88 -13.57
N LYS A 3 6.20 -17.23 -12.88
CA LYS A 3 5.88 -16.64 -11.57
C LYS A 3 6.98 -17.00 -10.58
N LYS A 4 7.36 -18.28 -10.56
CA LYS A 4 8.42 -18.77 -9.69
C LYS A 4 9.82 -18.22 -10.02
N HIS A 5 10.09 -17.89 -11.28
CA HIS A 5 11.40 -17.36 -11.69
C HIS A 5 11.61 -15.89 -11.35
N THR A 6 10.55 -15.09 -11.49
CA THR A 6 10.65 -13.63 -11.42
C THR A 6 9.77 -12.97 -10.35
N GLY A 7 8.81 -13.72 -9.81
CA GLY A 7 7.78 -13.15 -8.95
C GLY A 7 6.59 -12.59 -9.72
N TYR A 8 6.64 -12.62 -11.05
CA TYR A 8 5.68 -11.91 -11.91
C TYR A 8 5.07 -12.89 -12.89
N VAL A 9 3.78 -12.70 -13.17
CA VAL A 9 3.08 -13.58 -14.11
C VAL A 9 2.80 -12.83 -15.41
N GLY A 10 2.65 -13.61 -16.47
CA GLY A 10 2.42 -13.10 -17.82
C GLY A 10 0.94 -12.99 -18.16
N LEU A 11 0.68 -12.50 -19.37
CA LEU A 11 -0.65 -12.44 -19.95
C LEU A 11 -0.76 -13.38 -21.16
N LYS A 12 -1.90 -14.04 -21.30
CA LYS A 12 -2.07 -15.00 -22.39
C LYS A 12 -1.97 -14.33 -23.74
N ASN A 13 -1.43 -15.06 -24.71
CA ASN A 13 -1.53 -14.71 -26.11
C ASN A 13 -2.88 -15.23 -26.63
N GLN A 14 -3.83 -14.31 -26.82
CA GLN A 14 -5.23 -14.65 -27.19
C GLN A 14 -5.67 -13.78 -28.36
N GLY A 15 -5.63 -14.33 -29.56
CA GLY A 15 -5.78 -13.53 -30.78
C GLY A 15 -4.63 -12.55 -30.97
N ALA A 16 -4.90 -11.51 -31.76
CA ALA A 16 -3.93 -10.47 -32.05
C ALA A 16 -4.40 -9.17 -31.41
N THR A 17 -3.87 -8.88 -30.22
CA THR A 17 -4.11 -7.64 -29.53
C THR A 17 -2.86 -6.75 -29.53
N CYS A 18 -1.84 -7.17 -30.27
CA CYS A 18 -0.72 -6.33 -30.59
C CYS A 18 -0.02 -5.79 -29.31
N TYR A 19 -0.17 -4.49 -29.06
CA TYR A 19 0.51 -3.76 -28.00
C TYR A 19 -0.22 -3.81 -26.65
N MET A 20 -1.41 -4.42 -26.60
CA MET A 20 -2.22 -4.44 -25.38
C MET A 20 -1.53 -5.06 -24.17
N ASN A 21 -1.06 -6.30 -24.33
CA ASN A 21 -0.46 -6.99 -23.18
C ASN A 21 0.69 -6.15 -22.65
N SER A 22 1.48 -5.56 -23.56
CA SER A 22 2.60 -4.70 -23.16
C SER A 22 2.14 -3.55 -22.31
N LEU A 23 1.07 -2.89 -22.75
CA LEU A 23 0.51 -1.75 -22.03
C LEU A 23 -0.13 -2.13 -20.70
N LEU A 24 -0.80 -3.30 -20.63
CA LEU A 24 -1.44 -3.74 -19.39
C LEU A 24 -0.40 -3.98 -18.29
N GLN A 25 0.73 -4.60 -18.64
CA GLN A 25 1.82 -4.78 -17.66
C GLN A 25 2.38 -3.44 -17.17
N THR A 26 2.63 -2.55 -18.11
CA THR A 26 3.09 -1.18 -17.81
C THR A 26 2.20 -0.51 -16.76
N LEU A 27 0.89 -0.60 -16.95
CA LEU A 27 -0.06 0.03 -16.04
C LEU A 27 -0.16 -0.73 -14.72
N PHE A 28 -0.10 -2.05 -14.77
CA PHE A 28 -0.17 -2.86 -13.56
C PHE A 28 0.95 -2.49 -12.60
N PHE A 29 2.15 -2.25 -13.16
CA PHE A 29 3.32 -1.87 -12.37
C PHE A 29 3.43 -0.37 -12.06
N THR A 30 2.40 0.39 -12.43
CA THR A 30 2.20 1.76 -11.94
C THR A 30 1.39 1.57 -10.65
N ASN A 31 2.08 1.18 -9.59
CA ASN A 31 1.40 0.65 -8.39
C ASN A 31 0.33 1.55 -7.80
N GLN A 32 0.55 2.86 -7.81
CA GLN A 32 -0.42 3.82 -7.29
C GLN A 32 -1.69 3.76 -8.12
N LEU A 33 -1.58 3.63 -9.44
CA LEU A 33 -2.75 3.39 -10.28
C LEU A 33 -3.48 2.09 -9.89
N ARG A 34 -2.72 1.01 -9.74
CA ARG A 34 -3.30 -0.29 -9.45
C ARG A 34 -4.11 -0.28 -8.13
N LYS A 35 -3.61 0.45 -7.13
CA LYS A 35 -4.31 0.57 -5.85
C LYS A 35 -5.62 1.31 -6.01
N ALA A 36 -5.59 2.44 -6.70
CA ALA A 36 -6.81 3.19 -6.96
C ALA A 36 -7.85 2.36 -7.71
N VAL A 37 -7.38 1.57 -8.66
CA VAL A 37 -8.24 0.69 -9.45
C VAL A 37 -8.98 -0.32 -8.57
N TYR A 38 -8.28 -0.93 -7.62
CA TYR A 38 -8.92 -1.86 -6.68
C TYR A 38 -9.98 -1.20 -5.79
N MET A 39 -9.89 0.12 -5.67
CA MET A 39 -10.77 0.93 -4.83
C MET A 39 -12.04 1.39 -5.52
N MET A 40 -12.15 1.20 -6.84
CA MET A 40 -13.34 1.64 -7.58
C MET A 40 -14.58 0.85 -7.14
N PRO A 41 -15.73 1.54 -6.94
CA PRO A 41 -16.93 0.88 -6.48
C PRO A 41 -17.66 0.24 -7.66
N THR A 42 -17.24 -0.96 -8.02
CA THR A 42 -17.81 -1.70 -9.13
C THR A 42 -18.89 -2.70 -8.69
N GLU A 43 -19.38 -2.58 -7.44
CA GLU A 43 -20.38 -3.51 -6.87
C GLU A 43 -21.43 -3.99 -7.86
N GLY A 44 -22.12 -3.04 -8.50
CA GLY A 44 -23.23 -3.37 -9.40
C GLY A 44 -22.88 -3.82 -10.82
N ASP A 45 -21.63 -3.57 -11.25
CA ASP A 45 -21.23 -3.65 -12.68
C ASP A 45 -21.41 -5.01 -13.38
N ASP A 46 -21.57 -4.93 -14.70
CA ASP A 46 -21.61 -6.09 -15.63
C ASP A 46 -20.19 -6.39 -16.09
N SER A 47 -19.75 -7.65 -15.97
CA SER A 47 -18.34 -8.03 -16.19
C SER A 47 -17.85 -8.00 -17.65
N SER A 48 -18.77 -8.19 -18.60
CA SER A 48 -18.45 -8.06 -20.02
C SER A 48 -18.66 -6.64 -20.54
N LYS A 49 -19.26 -5.75 -19.75
CA LYS A 49 -19.46 -4.34 -20.15
C LYS A 49 -18.53 -3.35 -19.44
N SER A 50 -18.28 -3.57 -18.15
CA SER A 50 -17.50 -2.64 -17.35
C SER A 50 -16.01 -2.79 -17.59
N VAL A 51 -15.40 -1.77 -18.20
CA VAL A 51 -13.93 -1.72 -18.29
C VAL A 51 -13.32 -1.65 -16.88
N PRO A 52 -13.90 -0.84 -15.98
CA PRO A 52 -13.35 -0.81 -14.63
C PRO A 52 -13.29 -2.19 -13.93
N LEU A 53 -14.38 -2.94 -13.94
CA LEU A 53 -14.39 -4.28 -13.33
CA LEU A 53 -14.41 -4.27 -13.33
C LEU A 53 -13.48 -5.22 -14.08
N ALA A 54 -13.50 -5.18 -15.41
CA ALA A 54 -12.64 -6.04 -16.21
C ALA A 54 -11.15 -5.77 -15.92
N LEU A 55 -10.78 -4.51 -15.72
CA LEU A 55 -9.39 -4.16 -15.37
C LEU A 55 -9.01 -4.63 -13.96
N GLN A 56 -9.91 -4.43 -13.01
CA GLN A 56 -9.73 -4.95 -11.66
C GLN A 56 -9.42 -6.43 -11.67
N ARG A 57 -10.19 -7.17 -12.47
CA ARG A 57 -9.95 -8.61 -12.68
C ARG A 57 -8.55 -8.88 -13.22
N VAL A 58 -8.16 -8.18 -14.28
CA VAL A 58 -6.84 -8.41 -14.88
C VAL A 58 -5.72 -8.12 -13.86
N PHE A 59 -5.81 -6.98 -13.17
CA PHE A 59 -4.81 -6.59 -12.19
C PHE A 59 -4.78 -7.59 -11.01
N TYR A 60 -5.95 -7.95 -10.47
CA TYR A 60 -6.02 -8.93 -9.38
C TYR A 60 -5.35 -10.24 -9.75
N GLU A 61 -5.62 -10.71 -10.96
CA GLU A 61 -5.04 -11.97 -11.43
C GLU A 61 -3.57 -11.84 -11.69
N LEU A 62 -3.13 -10.71 -12.22
CA LEU A 62 -1.70 -10.47 -12.34
C LEU A 62 -1.01 -10.48 -10.97
N GLN A 63 -1.70 -9.99 -9.94
CA GLN A 63 -1.13 -9.89 -8.61
C GLN A 63 -1.13 -11.24 -7.87
N HIS A 64 -2.11 -12.10 -8.18
CA HIS A 64 -2.31 -13.37 -7.47
C HIS A 64 -2.19 -14.66 -8.28
N SER A 65 -2.36 -14.62 -9.60
CA SER A 65 -2.36 -15.85 -10.40
C SER A 65 -0.96 -16.39 -10.56
N ASP A 66 -0.86 -17.73 -10.50
CA ASP A 66 0.37 -18.43 -10.80
C ASP A 66 0.47 -18.78 -12.27
N LYS A 67 -0.63 -18.66 -13.02
CA LYS A 67 -0.66 -19.04 -14.44
C LYS A 67 -0.95 -17.82 -15.29
N PRO A 68 -0.71 -17.91 -16.61
CA PRO A 68 -0.90 -16.69 -17.41
C PRO A 68 -2.34 -16.21 -17.39
N VAL A 69 -2.51 -14.89 -17.38
CA VAL A 69 -3.79 -14.21 -17.16
C VAL A 69 -4.48 -13.87 -18.51
N GLY A 70 -5.76 -14.22 -18.63
CA GLY A 70 -6.57 -13.93 -19.82
C GLY A 70 -7.13 -12.52 -19.84
N THR A 71 -7.44 -12.04 -21.05
CA THR A 71 -7.93 -10.66 -21.30
C THR A 71 -9.21 -10.56 -22.15
N LYS A 72 -9.87 -11.69 -22.41
CA LYS A 72 -11.02 -11.70 -23.31
C LYS A 72 -12.16 -10.83 -22.80
N LYS A 73 -12.47 -10.93 -21.51
CA LYS A 73 -13.55 -10.08 -20.96
C LYS A 73 -13.21 -8.58 -20.97
N LEU A 74 -11.92 -8.25 -20.93
CA LEU A 74 -11.45 -6.86 -21.00
C LEU A 74 -11.60 -6.34 -22.42
N THR A 75 -11.14 -7.10 -23.41
CA THR A 75 -11.27 -6.66 -24.81
C THR A 75 -12.74 -6.57 -25.21
N LYS A 76 -13.54 -7.53 -24.74
CA LYS A 76 -14.98 -7.45 -24.95
C LYS A 76 -15.54 -6.17 -24.31
N SER A 77 -15.07 -5.80 -23.13
CA SER A 77 -15.58 -4.64 -22.41
C SER A 77 -15.38 -3.30 -23.12
N PHE A 78 -14.24 -3.07 -23.75
CA PHE A 78 -14.04 -1.82 -24.54
C PHE A 78 -14.26 -2.01 -26.04
N GLY A 79 -14.64 -3.23 -26.46
CA GLY A 79 -15.13 -3.48 -27.82
C GLY A 79 -14.09 -3.68 -28.91
N TRP A 80 -12.82 -3.93 -28.53
CA TRP A 80 -11.77 -4.12 -29.53
C TRP A 80 -11.50 -5.60 -29.66
N GLU A 81 -12.31 -6.27 -30.46
CA GLU A 81 -12.31 -7.73 -30.48
C GLU A 81 -11.73 -8.32 -31.77
N THR A 82 -11.18 -7.48 -32.64
CA THR A 82 -10.50 -7.94 -33.85
C THR A 82 -9.17 -7.21 -34.01
N LEU A 83 -8.27 -7.82 -34.78
CA LEU A 83 -7.06 -7.15 -35.28
C LEU A 83 -7.32 -5.70 -35.71
N ASP A 84 -8.42 -5.49 -36.42
CA ASP A 84 -8.73 -4.21 -37.03
C ASP A 84 -8.86 -3.08 -36.01
N SER A 85 -9.48 -3.36 -34.88
CA SER A 85 -9.55 -2.38 -33.79
C SER A 85 -8.16 -1.91 -33.38
N PHE A 86 -7.25 -2.87 -33.25
CA PHE A 86 -5.88 -2.55 -32.86
C PHE A 86 -5.10 -1.85 -33.97
N MET A 87 -5.43 -2.16 -35.19
CA MET A 87 -4.81 -1.49 -36.34
C MET A 87 -5.32 -0.06 -36.56
N GLN A 88 -6.52 0.26 -36.09
CA GLN A 88 -7.09 1.60 -36.24
C GLN A 88 -6.58 2.61 -35.20
N HIS A 89 -5.78 2.14 -34.24
CA HIS A 89 -5.42 2.98 -33.11
C HIS A 89 -3.93 2.94 -32.78
N ASP A 90 -3.38 4.10 -32.46
CA ASP A 90 -2.10 4.18 -31.76
C ASP A 90 -2.16 3.65 -30.31
N VAL A 91 -1.01 3.25 -29.78
CA VAL A 91 -0.94 2.69 -28.42
C VAL A 91 -1.50 3.63 -27.36
N GLN A 92 -1.18 4.93 -27.47
CA GLN A 92 -1.69 5.96 -26.55
C GLN A 92 -3.20 6.10 -26.52
N GLU A 93 -3.87 5.79 -27.63
CA GLU A 93 -5.32 5.85 -27.71
C GLU A 93 -5.95 4.77 -26.87
N LEU A 94 -5.37 3.57 -26.88
CA LEU A 94 -5.83 2.49 -26.01
C LEU A 94 -5.63 2.88 -24.56
N CYS A 95 -4.49 3.50 -24.27
CA CYS A 95 -4.16 3.86 -22.93
C CYS A 95 -5.15 4.92 -22.43
N ARG A 96 -5.41 5.93 -23.26
CA ARG A 96 -6.44 6.92 -22.97
C ARG A 96 -7.83 6.31 -22.68
N VAL A 97 -8.25 5.31 -23.46
CA VAL A 97 -9.53 4.62 -23.23
C VAL A 97 -9.56 3.99 -21.82
N LEU A 98 -8.49 3.28 -21.45
CA LEU A 98 -8.44 2.59 -20.16
C LEU A 98 -8.42 3.60 -19.03
N LEU A 99 -7.58 4.63 -19.16
CA LEU A 99 -7.45 5.63 -18.12
C LEU A 99 -8.71 6.49 -17.96
N ASP A 100 -9.33 6.90 -19.07
CA ASP A 100 -10.59 7.66 -19.00
CA ASP A 100 -10.59 7.64 -19.02
C ASP A 100 -11.65 6.83 -18.28
N ASN A 101 -11.81 5.58 -18.69
CA ASN A 101 -12.80 4.70 -18.06
C ASN A 101 -12.65 4.64 -16.54
N VAL A 102 -11.45 4.31 -16.07
CA VAL A 102 -11.19 4.17 -14.63
C VAL A 102 -11.24 5.51 -13.89
N GLU A 103 -10.80 6.58 -14.55
CA GLU A 103 -10.94 7.94 -13.97
C GLU A 103 -12.42 8.32 -13.72
N ASN A 104 -13.26 8.10 -14.74
CA ASN A 104 -14.68 8.35 -14.61
C ASN A 104 -15.28 7.51 -13.46
N LYS A 105 -14.85 6.25 -13.33
CA LYS A 105 -15.36 5.37 -12.27
C LYS A 105 -14.89 5.78 -10.84
N MET A 106 -13.81 6.54 -10.76
CA MET A 106 -13.31 7.09 -9.50
C MET A 106 -13.98 8.39 -9.05
N LYS A 107 -14.83 8.98 -9.89
CA LYS A 107 -15.60 10.18 -9.50
C LYS A 107 -16.38 9.93 -8.22
N GLY A 108 -16.29 10.87 -7.28
CA GLY A 108 -16.98 10.78 -6.00
C GLY A 108 -16.46 9.73 -5.04
N THR A 109 -15.24 9.24 -5.23
CA THR A 109 -14.65 8.22 -4.35
C THR A 109 -13.44 8.80 -3.63
N CYS A 110 -12.96 8.06 -2.64
CA CYS A 110 -11.73 8.37 -1.89
C CYS A 110 -10.47 8.48 -2.77
N VAL A 111 -10.56 8.02 -4.00
CA VAL A 111 -9.43 7.92 -4.88
C VAL A 111 -9.63 8.75 -6.19
N GLU A 112 -10.67 9.59 -6.23
CA GLU A 112 -10.91 10.53 -7.35
C GLU A 112 -9.67 11.39 -7.63
N GLY A 113 -9.43 11.66 -8.90
CA GLY A 113 -8.27 12.45 -9.31
C GLY A 113 -6.91 11.74 -9.38
N THR A 114 -6.84 10.44 -9.05
CA THR A 114 -5.58 9.69 -9.17
C THR A 114 -4.93 9.76 -10.56
N ILE A 115 -5.75 9.70 -11.59
CA ILE A 115 -5.28 9.62 -12.97
C ILE A 115 -4.58 10.92 -13.42
N PRO A 116 -5.23 12.08 -13.27
CA PRO A 116 -4.46 13.32 -13.52
C PRO A 116 -3.27 13.51 -12.58
N LYS A 117 -3.41 13.11 -11.32
CA LYS A 117 -2.31 13.26 -10.37
C LYS A 117 -1.07 12.55 -10.91
N LEU A 118 -1.26 11.33 -11.42
CA LEU A 118 -0.15 10.52 -11.94
C LEU A 118 0.35 10.89 -13.34
N PHE A 119 -0.58 11.10 -14.27
CA PHE A 119 -0.27 11.20 -15.70
C PHE A 119 -0.39 12.58 -16.33
N ARG A 120 -1.04 13.55 -15.68
CA ARG A 120 -1.35 14.81 -16.37
C ARG A 120 -0.29 15.89 -16.19
N GLY A 121 0.19 16.41 -17.31
CA GLY A 121 1.07 17.56 -17.31
C GLY A 121 0.38 18.74 -17.97
N LYS A 122 1.06 19.87 -17.98
CA LYS A 122 0.51 21.10 -18.49
C LYS A 122 1.48 21.70 -19.48
N MET A 123 0.96 22.06 -20.66
CA MET A 123 1.75 22.80 -21.63
CA MET A 123 1.73 22.77 -21.68
C MET A 123 0.95 23.99 -22.16
N VAL A 124 1.66 24.86 -22.87
CA VAL A 124 1.02 25.96 -23.55
C VAL A 124 1.59 26.03 -24.95
N SER A 125 0.69 26.15 -25.93
CA SER A 125 1.04 26.32 -27.33
C SER A 125 0.77 27.78 -27.71
N TYR A 126 1.67 28.39 -28.46
CA TYR A 126 1.57 29.82 -28.72
C TYR A 126 1.83 30.17 -30.18
N ILE A 127 1.24 31.27 -30.61
CA ILE A 127 1.60 31.93 -31.88
C ILE A 127 1.80 33.41 -31.56
N GLN A 128 3.04 33.89 -31.71
CA GLN A 128 3.40 35.29 -31.45
C GLN A 128 3.69 36.02 -32.75
N CYS A 129 2.90 37.05 -33.05
CA CYS A 129 3.19 37.88 -34.22
C CYS A 129 4.47 38.69 -33.97
N LYS A 130 5.29 38.80 -35.01
CA LYS A 130 6.58 39.48 -34.91
C LYS A 130 6.41 41.00 -34.96
N GLU A 131 5.72 41.50 -35.98
CA GLU A 131 5.63 42.95 -36.25
C GLU A 131 4.43 43.64 -35.61
N VAL A 132 3.38 42.89 -35.26
CA VAL A 132 2.24 43.47 -34.54
C VAL A 132 2.08 42.83 -33.16
N ASP A 133 1.33 43.51 -32.31
CA ASP A 133 1.13 43.09 -30.94
C ASP A 133 -0.08 42.17 -30.90
N TYR A 134 0.17 40.89 -31.19
CA TYR A 134 -0.85 39.86 -31.08
C TYR A 134 -0.22 38.52 -30.70
N ARG A 135 -0.87 37.84 -29.75
CA ARG A 135 -0.45 36.53 -29.28
C ARG A 135 -1.66 35.66 -28.96
N SER A 136 -1.63 34.40 -29.41
CA SER A 136 -2.66 33.44 -29.05
C SER A 136 -2.01 32.34 -28.23
N ASP A 137 -2.51 32.12 -27.01
CA ASP A 137 -1.99 31.11 -26.10
C ASP A 137 -3.07 30.09 -25.90
N ARG A 138 -2.76 28.82 -26.11
CA ARG A 138 -3.68 27.73 -25.82
C ARG A 138 -3.06 26.81 -24.78
N ARG A 139 -3.59 26.90 -23.56
CA ARG A 139 -3.19 26.02 -22.47
CA ARG A 139 -3.20 26.02 -22.46
C ARG A 139 -3.87 24.66 -22.65
N GLU A 140 -3.11 23.58 -22.48
CA GLU A 140 -3.62 22.23 -22.69
C GLU A 140 -3.03 21.26 -21.68
N ASP A 141 -3.89 20.36 -21.21
CA ASP A 141 -3.44 19.19 -20.48
C ASP A 141 -2.96 18.14 -21.47
N TYR A 142 -1.98 17.33 -21.05
CA TYR A 142 -1.57 16.16 -21.79
C TYR A 142 -1.33 14.99 -20.82
N TYR A 143 -1.54 13.77 -21.33
CA TYR A 143 -1.33 12.56 -20.57
C TYR A 143 -0.22 11.71 -21.18
N ASP A 144 0.36 12.20 -22.28
CA ASP A 144 1.36 11.50 -23.06
C ASP A 144 1.96 12.50 -24.03
N ILE A 145 3.12 12.17 -24.58
CA ILE A 145 3.85 13.01 -25.50
C ILE A 145 4.28 12.13 -26.66
N GLN A 146 4.05 12.61 -27.88
CA GLN A 146 4.51 11.92 -29.08
C GLN A 146 5.76 12.60 -29.59
N LEU A 147 6.90 11.89 -29.53
CA LEU A 147 8.23 12.44 -29.85
C LEU A 147 8.63 12.12 -31.27
N SER A 148 9.15 13.11 -32.00
CA SER A 148 9.63 12.88 -33.36
C SER A 148 10.98 12.19 -33.29
N ILE A 149 11.10 11.15 -34.12
CA ILE A 149 12.27 10.27 -34.17
C ILE A 149 13.11 10.51 -35.43
N LYS A 150 12.46 10.78 -36.57
CA LYS A 150 13.12 10.86 -37.88
C LYS A 150 14.19 11.95 -37.88
N GLY A 151 15.45 11.54 -38.03
CA GLY A 151 16.57 12.48 -38.04
C GLY A 151 17.00 12.98 -36.67
N LYS A 152 16.52 12.30 -35.60
CA LYS A 152 16.90 12.60 -34.22
C LYS A 152 17.69 11.40 -33.68
N LYS A 153 18.79 11.68 -33.00
CA LYS A 153 19.64 10.61 -32.45
C LYS A 153 19.14 10.14 -31.08
N ASN A 154 18.55 11.03 -30.30
CA ASN A 154 18.14 10.68 -28.94
C ASN A 154 16.96 11.49 -28.41
N ILE A 155 16.48 11.09 -27.24
CA ILE A 155 15.38 11.76 -26.53
C ILE A 155 15.66 13.25 -26.36
N PHE A 156 16.89 13.62 -26.00
CA PHE A 156 17.28 15.02 -25.84
C PHE A 156 17.00 15.81 -27.14
N GLU A 157 17.44 15.29 -28.27
CA GLU A 157 17.15 15.93 -29.55
C GLU A 157 15.66 16.00 -29.89
N SER A 158 14.87 14.98 -29.51
CA SER A 158 13.42 15.02 -29.74
C SER A 158 12.77 16.12 -28.93
N PHE A 159 13.16 16.25 -27.67
CA PHE A 159 12.62 17.31 -26.82
C PHE A 159 13.04 18.66 -27.36
N VAL A 160 14.31 18.78 -27.78
CA VAL A 160 14.77 20.03 -28.40
C VAL A 160 13.86 20.38 -29.58
N ASP A 161 13.63 19.41 -30.45
CA ASP A 161 12.71 19.59 -31.57
C ASP A 161 11.28 19.87 -31.12
N TYR A 162 10.83 19.22 -30.05
CA TYR A 162 9.46 19.41 -29.56
C TYR A 162 9.18 20.88 -29.19
N VAL A 163 10.13 21.51 -28.49
CA VAL A 163 9.98 22.93 -28.08
C VAL A 163 10.58 23.94 -29.04
N ALA A 164 11.03 23.49 -30.22
CA ALA A 164 11.60 24.40 -31.21
C ALA A 164 10.56 25.38 -31.72
N VAL A 165 11.05 26.58 -31.98
CA VAL A 165 10.25 27.68 -32.49
C VAL A 165 10.17 27.54 -34.01
N GLU A 166 8.94 27.54 -34.54
CA GLU A 166 8.67 27.47 -35.96
C GLU A 166 8.36 28.89 -36.49
N GLN A 167 9.04 29.29 -37.55
CA GLN A 167 8.86 30.60 -38.16
C GLN A 167 7.76 30.49 -39.19
N LEU A 168 6.73 31.32 -39.03
CA LEU A 168 5.62 31.37 -39.97
C LEU A 168 5.79 32.61 -40.83
N ASP A 169 6.45 32.43 -41.99
CA ASP A 169 6.81 33.56 -42.87
C ASP A 169 6.63 33.21 -44.35
N GLY A 170 6.89 34.20 -45.21
CA GLY A 170 6.86 34.03 -46.66
C GLY A 170 5.56 33.50 -47.21
N ASP A 171 5.59 32.25 -47.69
CA ASP A 171 4.42 31.57 -48.25
C ASP A 171 3.45 30.98 -47.19
N ASN A 172 3.91 30.81 -45.94
CA ASN A 172 3.06 30.34 -44.84
C ASN A 172 3.03 31.30 -43.64
N LYS A 173 2.74 32.57 -43.93
CA LYS A 173 2.39 33.56 -42.91
C LYS A 173 1.13 33.17 -42.12
N TYR A 174 1.01 33.77 -40.93
CA TYR A 174 -0.07 33.46 -39.99
C TYR A 174 -1.25 34.35 -40.28
N ASP A 175 -2.45 33.77 -40.35
CA ASP A 175 -3.63 34.59 -40.50
C ASP A 175 -3.90 35.23 -39.14
N ALA A 176 -3.52 36.51 -39.02
CA ALA A 176 -3.69 37.28 -37.79
C ALA A 176 -4.97 38.10 -37.78
N GLY A 177 -6.01 37.64 -38.48
CA GLY A 177 -7.32 38.22 -38.40
C GLY A 177 -7.32 39.59 -39.02
N GLU A 178 -7.74 40.59 -38.24
CA GLU A 178 -7.84 41.94 -38.74
C GLU A 178 -6.47 42.63 -38.92
N HIS A 179 -5.38 41.99 -38.47
CA HIS A 179 -4.03 42.41 -38.86
C HIS A 179 -3.56 41.80 -40.20
N GLY A 180 -4.42 41.08 -40.91
CA GLY A 180 -4.05 40.37 -42.12
C GLY A 180 -2.97 39.33 -41.87
N LEU A 181 -2.30 38.91 -42.94
CA LEU A 181 -1.20 37.97 -42.84
C LEU A 181 -0.02 38.63 -42.12
N GLN A 182 0.58 37.89 -41.18
CA GLN A 182 1.65 38.41 -40.35
C GLN A 182 2.73 37.37 -40.16
N GLU A 183 3.96 37.86 -40.11
CA GLU A 183 5.12 37.04 -39.82
C GLU A 183 5.00 36.70 -38.34
N ALA A 184 5.28 35.46 -37.99
CA ALA A 184 5.00 35.01 -36.63
C ALA A 184 5.91 33.87 -36.25
N GLU A 185 5.97 33.60 -34.94
CA GLU A 185 6.63 32.42 -34.37
C GLU A 185 5.60 31.53 -33.71
N LYS A 186 5.72 30.23 -33.93
CA LYS A 186 4.87 29.21 -33.30
C LYS A 186 5.71 28.22 -32.48
N GLY A 187 5.21 27.85 -31.30
CA GLY A 187 5.86 26.86 -30.48
C GLY A 187 4.98 26.31 -29.39
N VAL A 188 5.56 25.36 -28.65
CA VAL A 188 4.94 24.73 -27.49
C VAL A 188 5.92 24.87 -26.33
N LYS A 189 5.40 25.09 -25.12
CA LYS A 189 6.21 25.12 -23.90
C LYS A 189 5.64 24.13 -22.89
N PHE A 190 6.51 23.49 -22.11
CA PHE A 190 6.09 22.66 -20.97
C PHE A 190 6.02 23.50 -19.71
N LEU A 191 4.86 23.52 -19.07
CA LEU A 191 4.69 24.17 -17.78
C LEU A 191 4.96 23.19 -16.66
N THR A 192 4.45 21.98 -16.79
CA THR A 192 4.74 20.89 -15.85
C THR A 192 4.94 19.59 -16.61
N LEU A 193 5.62 18.66 -15.94
CA LEU A 193 5.81 17.29 -16.39
C LEU A 193 5.19 16.40 -15.31
N PRO A 194 4.39 15.40 -15.72
CA PRO A 194 3.66 14.58 -14.75
C PRO A 194 4.58 13.60 -14.02
N PRO A 195 4.14 13.05 -12.87
CA PRO A 195 4.95 12.02 -12.17
C PRO A 195 5.27 10.77 -13.01
N VAL A 196 4.30 10.33 -13.80
CA VAL A 196 4.48 9.19 -14.71
C VAL A 196 4.40 9.72 -16.14
N LEU A 197 5.52 9.65 -16.84
CA LEU A 197 5.69 10.23 -18.15
C LEU A 197 5.63 9.14 -19.23
N HIS A 198 4.62 9.22 -20.10
CA HIS A 198 4.44 8.30 -21.23
C HIS A 198 4.88 8.96 -22.51
N LEU A 199 5.87 8.38 -23.15
CA LEU A 199 6.47 8.92 -24.36
C LEU A 199 6.30 7.87 -25.43
N GLN A 200 5.57 8.20 -26.48
CA GLN A 200 5.53 7.36 -27.66
C GLN A 200 6.53 7.89 -28.68
N LEU A 201 7.21 6.97 -29.35
CA LEU A 201 8.16 7.32 -30.40
C LEU A 201 7.54 7.14 -31.79
N MET A 202 7.70 8.16 -32.65
CA MET A 202 6.95 8.27 -33.90
C MET A 202 7.64 7.51 -35.02
N ARG A 203 7.60 6.19 -34.91
CA ARG A 203 8.21 5.29 -35.89
C ARG A 203 7.29 4.89 -37.06
N PHE A 204 5.97 4.98 -36.90
CA PHE A 204 5.02 4.53 -37.92
C PHE A 204 4.50 5.72 -38.73
N MET A 205 5.34 6.21 -39.62
CA MET A 205 5.07 7.45 -40.37
C MET A 205 4.49 7.18 -41.75
N TYR A 206 3.55 8.03 -42.16
CA TYR A 206 3.01 7.99 -43.52
C TYR A 206 4.11 8.20 -44.55
N ASP A 207 4.08 7.38 -45.59
CA ASP A 207 5.03 7.44 -46.69
C ASP A 207 4.24 7.77 -47.99
N PRO A 208 4.44 8.98 -48.54
CA PRO A 208 3.75 9.35 -49.80
C PRO A 208 3.98 8.36 -50.97
N GLN A 209 5.24 7.95 -51.19
CA GLN A 209 5.60 7.11 -52.35
C GLN A 209 5.12 5.66 -52.31
N THR A 210 4.69 5.15 -51.15
CA THR A 210 3.98 3.86 -51.07
C THR A 210 2.50 4.01 -50.65
N ASP A 211 2.07 5.26 -50.39
CA ASP A 211 0.76 5.56 -49.82
C ASP A 211 0.38 4.58 -48.69
N GLN A 212 1.20 4.55 -47.65
CA GLN A 212 0.94 3.77 -46.44
C GLN A 212 1.78 4.26 -45.29
N ASN A 213 1.46 3.80 -44.10
CA ASN A 213 2.35 3.92 -42.96
C ASN A 213 3.44 2.87 -43.08
N ILE A 214 4.69 3.26 -42.83
CA ILE A 214 5.83 2.35 -42.79
C ILE A 214 6.58 2.55 -41.49
N LYS A 215 7.04 1.45 -40.89
CA LYS A 215 7.78 1.54 -39.65
C LYS A 215 9.22 1.96 -39.97
N ILE A 216 9.68 3.03 -39.31
CA ILE A 216 11.05 3.51 -39.38
C ILE A 216 11.86 2.82 -38.28
N ASN A 217 12.90 2.09 -38.71
CA ASN A 217 13.75 1.30 -37.86
C ASN A 217 15.07 1.99 -37.48
N ASP A 218 15.14 3.31 -37.64
CA ASP A 218 16.36 4.07 -37.39
C ASP A 218 16.74 4.05 -35.93
N ARG A 219 18.02 4.30 -35.67
CA ARG A 219 18.58 4.34 -34.33
C ARG A 219 18.03 5.51 -33.55
N PHE A 220 17.55 5.21 -32.34
CA PHE A 220 17.07 6.24 -31.44
C PHE A 220 17.39 5.84 -30.00
N GLU A 221 18.17 6.68 -29.33
CA GLU A 221 18.72 6.34 -28.02
C GLU A 221 18.00 7.08 -26.93
N PHE A 222 17.77 6.37 -25.83
CA PHE A 222 17.12 6.92 -24.66
C PHE A 222 17.89 6.46 -23.45
N PRO A 223 18.08 7.37 -22.47
CA PRO A 223 18.85 7.03 -21.28
C PRO A 223 18.02 6.41 -20.16
N GLU A 224 18.72 5.75 -19.27
CA GLU A 224 18.20 5.31 -18.00
C GLU A 224 17.73 6.47 -17.12
N GLN A 225 18.54 7.53 -17.07
CA GLN A 225 18.23 8.74 -16.30
C GLN A 225 18.06 9.91 -17.25
N LEU A 226 16.90 10.56 -17.17
CA LEU A 226 16.50 11.57 -18.12
C LEU A 226 16.26 12.89 -17.41
N PRO A 227 17.19 13.85 -17.54
CA PRO A 227 16.98 15.19 -16.98
C PRO A 227 16.20 16.07 -17.94
N LEU A 228 15.05 16.61 -17.51
CA LEU A 228 14.20 17.43 -18.37
C LEU A 228 14.01 18.91 -17.92
N ASP A 229 14.71 19.34 -16.87
CA ASP A 229 14.57 20.73 -16.37
C ASP A 229 14.66 21.79 -17.44
N GLU A 230 15.61 21.65 -18.36
CA GLU A 230 15.80 22.66 -19.42
C GLU A 230 14.64 22.83 -20.39
N PHE A 231 13.73 21.85 -20.45
CA PHE A 231 12.53 21.95 -21.29
C PHE A 231 11.34 22.53 -20.54
N LEU A 232 11.47 22.74 -19.23
CA LEU A 232 10.47 23.48 -18.46
C LEU A 232 10.66 25.00 -18.63
N GLN A 233 9.54 25.70 -18.75
CA GLN A 233 9.55 27.16 -18.80
C GLN A 233 10.09 27.72 -17.48
N LYS A 234 9.58 27.21 -16.36
CA LYS A 234 10.07 27.59 -15.02
C LYS A 234 10.43 26.35 -14.22
N THR A 235 11.72 26.18 -13.88
CA THR A 235 12.17 25.03 -13.09
C THR A 235 11.86 25.23 -11.62
N ASP A 236 11.94 24.14 -10.86
CA ASP A 236 11.67 24.12 -9.42
C ASP A 236 12.92 23.59 -8.69
N PRO A 237 13.61 24.45 -7.92
CA PRO A 237 14.79 24.04 -7.14
C PRO A 237 14.62 22.84 -6.20
N LYS A 238 13.45 22.67 -5.58
CA LYS A 238 13.19 21.53 -4.68
C LYS A 238 12.59 20.29 -5.38
N ASP A 239 12.26 20.40 -6.68
CA ASP A 239 11.74 19.25 -7.44
C ASP A 239 12.22 19.33 -8.90
N PRO A 240 13.50 18.95 -9.14
CA PRO A 240 14.01 18.96 -10.51
C PRO A 240 13.39 17.83 -11.32
N ALA A 241 13.23 18.08 -12.62
CA ALA A 241 12.54 17.17 -13.53
C ALA A 241 13.45 16.03 -13.97
N ASN A 242 13.91 15.25 -12.99
CA ASN A 242 14.79 14.10 -13.22
C ASN A 242 13.91 12.86 -13.25
N TYR A 243 14.02 12.11 -14.35
CA TYR A 243 13.20 10.95 -14.63
C TYR A 243 14.04 9.69 -14.72
N ILE A 244 13.44 8.57 -14.30
CA ILE A 244 14.06 7.27 -14.25
C ILE A 244 13.27 6.34 -15.17
N LEU A 245 13.96 5.62 -16.04
CA LEU A 245 13.32 4.70 -16.96
C LEU A 245 12.65 3.55 -16.24
N HIS A 246 11.35 3.39 -16.49
CA HIS A 246 10.56 2.33 -15.89
C HIS A 246 10.26 1.18 -16.87
N ALA A 247 9.83 1.53 -18.09
CA ALA A 247 9.35 0.55 -19.09
C ALA A 247 9.77 0.89 -20.51
N VAL A 248 10.04 -0.15 -21.30
CA VAL A 248 10.41 -0.03 -22.70
C VAL A 248 9.53 -1.00 -23.46
N LEU A 249 8.58 -0.46 -24.21
CA LEU A 249 7.69 -1.26 -25.03
C LEU A 249 8.32 -1.41 -26.39
N VAL A 250 8.42 -2.66 -26.83
CA VAL A 250 9.23 -3.02 -27.98
C VAL A 250 8.36 -3.73 -29.00
N HIS A 251 8.67 -3.53 -30.28
CA HIS A 251 8.05 -4.23 -31.40
C HIS A 251 9.10 -4.79 -32.34
N SER A 252 8.89 -6.00 -32.86
CA SER A 252 9.74 -6.60 -33.90
C SER A 252 8.94 -6.86 -35.16
N GLY A 253 9.52 -6.53 -36.29
CA GLY A 253 8.85 -6.71 -37.59
C GLY A 253 8.45 -5.40 -38.22
N ASP A 254 7.67 -5.51 -39.28
CA ASP A 254 7.27 -4.38 -40.14
C ASP A 254 5.75 -4.10 -40.11
N ASN A 255 4.98 -4.90 -39.36
CA ASN A 255 3.52 -4.76 -39.36
C ASN A 255 2.91 -5.24 -38.02
N HIS A 256 1.59 -5.12 -37.90
CA HIS A 256 0.84 -5.48 -36.69
C HIS A 256 0.86 -6.97 -36.39
N GLY A 257 1.30 -7.78 -37.36
CA GLY A 257 1.61 -9.21 -37.12
C GLY A 257 2.99 -9.49 -36.58
N GLY A 258 3.75 -8.44 -36.27
CA GLY A 258 5.04 -8.58 -35.62
C GLY A 258 4.92 -8.99 -34.16
N HIS A 259 6.07 -9.00 -33.49
CA HIS A 259 6.15 -9.46 -32.11
C HIS A 259 6.17 -8.24 -31.20
N TYR A 260 5.30 -8.23 -30.20
CA TYR A 260 5.26 -7.16 -29.20
C TYR A 260 5.72 -7.70 -27.82
N VAL A 261 6.67 -7.02 -27.20
CA VAL A 261 7.04 -7.35 -25.79
C VAL A 261 7.31 -6.07 -25.00
N VAL A 262 7.36 -6.21 -23.68
CA VAL A 262 7.70 -5.07 -22.85
C VAL A 262 8.74 -5.44 -21.81
N TYR A 263 9.73 -4.55 -21.70
CA TYR A 263 10.72 -4.65 -20.66
C TYR A 263 10.35 -3.68 -19.55
N LEU A 264 10.41 -4.18 -18.32
CA LEU A 264 10.17 -3.37 -17.12
C LEU A 264 11.18 -3.68 -16.01
N ASN A 265 11.52 -2.64 -15.24
CA ASN A 265 12.12 -2.84 -13.91
C ASN A 265 11.07 -2.30 -12.93
N PRO A 266 10.11 -3.17 -12.52
CA PRO A 266 8.94 -2.72 -11.76
C PRO A 266 9.18 -1.88 -10.51
N LYS A 267 10.27 -2.11 -9.79
CA LYS A 267 10.54 -1.38 -8.56
C LYS A 267 11.37 -0.15 -8.79
N GLY A 268 11.73 0.16 -10.04
CA GLY A 268 12.58 1.30 -10.35
C GLY A 268 13.99 1.15 -9.79
N ASP A 269 14.43 -0.11 -9.60
CA ASP A 269 15.74 -0.41 -9.00
C ASP A 269 16.77 -0.89 -10.03
N GLY A 270 16.47 -0.71 -11.32
CA GLY A 270 17.36 -1.15 -12.40
C GLY A 270 17.49 -2.67 -12.56
N LYS A 271 16.54 -3.43 -12.05
CA LYS A 271 16.54 -4.90 -12.21
C LYS A 271 15.35 -5.25 -13.09
N TRP A 272 15.69 -5.70 -14.30
CA TRP A 272 14.75 -5.71 -15.41
C TRP A 272 14.28 -7.12 -15.70
N CYS A 273 13.02 -7.24 -16.13
CA CYS A 273 12.47 -8.47 -16.69
C CYS A 273 11.87 -8.19 -18.07
N LYS A 274 11.87 -9.21 -18.92
CA LYS A 274 11.23 -9.18 -20.21
C LYS A 274 9.87 -9.83 -20.08
N PHE A 275 8.82 -9.12 -20.52
CA PHE A 275 7.46 -9.64 -20.48
C PHE A 275 7.00 -9.92 -21.92
N ASP A 276 6.92 -11.21 -22.25
CA ASP A 276 6.63 -11.72 -23.58
C ASP A 276 5.40 -12.62 -23.45
N ASP A 277 4.23 -12.00 -23.46
CA ASP A 277 2.98 -12.65 -23.15
C ASP A 277 3.09 -13.50 -21.89
N ASP A 278 3.02 -14.83 -22.04
CA ASP A 278 2.97 -15.75 -20.90
C ASP A 278 4.33 -15.99 -20.26
N VAL A 279 5.41 -15.59 -20.93
CA VAL A 279 6.77 -15.79 -20.45
C VAL A 279 7.34 -14.48 -19.94
N VAL A 280 7.47 -14.41 -18.62
CA VAL A 280 8.25 -13.38 -17.97
C VAL A 280 9.63 -13.96 -17.60
N SER A 281 10.68 -13.24 -17.95
CA SER A 281 12.04 -13.69 -17.67
C SER A 281 12.94 -12.52 -17.30
N ARG A 282 13.89 -12.80 -16.41
CA ARG A 282 14.94 -11.85 -16.07
C ARG A 282 15.79 -11.54 -17.29
N CYS A 283 16.22 -10.30 -17.38
CA CYS A 283 17.08 -9.90 -18.47
C CYS A 283 18.07 -8.87 -17.97
N THR A 284 19.11 -8.63 -18.74
CA THR A 284 20.07 -7.57 -18.44
C THR A 284 19.47 -6.20 -18.74
N LYS A 285 20.05 -5.20 -18.11
CA LYS A 285 19.74 -3.79 -18.35
C LYS A 285 19.97 -3.44 -19.81
N GLU A 286 21.02 -4.02 -20.37
CA GLU A 286 21.44 -3.76 -21.74
C GLU A 286 20.41 -4.31 -22.73
N GLU A 287 19.86 -5.50 -22.46
CA GLU A 287 18.74 -6.03 -23.25
CA GLU A 287 18.76 -6.01 -23.29
C GLU A 287 17.54 -5.09 -23.23
N ALA A 288 17.23 -4.53 -22.05
CA ALA A 288 16.07 -3.64 -21.93
C ALA A 288 16.26 -2.30 -22.63
N ILE A 289 17.47 -1.76 -22.58
CA ILE A 289 17.73 -0.37 -22.98
C ILE A 289 18.43 -0.34 -24.34
N GLU A 290 19.76 -0.49 -24.37
CA GLU A 290 20.54 -0.22 -25.59
C GLU A 290 20.15 -1.13 -26.75
N HIS A 291 19.83 -2.39 -26.47
CA HIS A 291 19.50 -3.32 -27.54
C HIS A 291 18.15 -3.04 -28.21
N ASN A 292 17.38 -2.11 -27.64
CA ASN A 292 16.14 -1.62 -28.23
C ASN A 292 16.27 -0.21 -28.82
N TYR A 293 17.51 0.26 -28.97
CA TYR A 293 17.78 1.51 -29.67
C TYR A 293 17.54 1.44 -31.19
N GLY A 294 17.60 0.25 -31.76
CA GLY A 294 17.44 0.03 -33.20
C GLY A 294 18.57 0.64 -34.02
N GLY A 295 18.28 1.01 -35.26
CA GLY A 295 19.31 1.40 -36.20
C GLY A 295 20.05 0.16 -36.68
N HIS A 296 21.36 0.11 -36.43
CA HIS A 296 22.30 -0.90 -36.97
C HIS A 296 22.12 -0.89 -38.50
N ASP A 297 22.29 0.30 -39.07
CA ASP A 297 22.09 0.57 -40.48
C ASP A 297 23.44 0.95 -41.09
N ASP A 299 25.43 -3.14 -41.78
CA ASP A 299 24.94 -4.49 -41.52
C ASP A 299 23.86 -4.89 -42.54
N LEU A 300 24.20 -5.82 -43.47
CA LEU A 300 23.38 -6.08 -44.67
C LEU A 300 22.55 -7.39 -44.65
N SER A 301 23.08 -8.47 -44.06
CA SER A 301 22.43 -9.80 -44.09
C SER A 301 21.06 -9.86 -43.41
N VAL A 302 20.90 -9.02 -42.40
CA VAL A 302 19.72 -8.99 -41.57
C VAL A 302 18.95 -7.70 -41.83
N ARG A 303 17.62 -7.76 -41.69
CA ARG A 303 16.82 -6.58 -41.51
C ARG A 303 16.60 -6.44 -40.00
N HIS A 304 17.20 -5.42 -39.39
CA HIS A 304 17.00 -5.17 -37.96
C HIS A 304 15.80 -4.27 -37.74
N CYS A 305 14.72 -4.84 -37.23
CA CYS A 305 13.47 -4.11 -37.03
C CYS A 305 12.84 -4.37 -35.64
N THR A 306 13.69 -4.70 -34.66
CA THR A 306 13.33 -4.80 -33.25
C THR A 306 13.76 -3.53 -32.51
N ASN A 307 12.81 -2.80 -31.93
CA ASN A 307 13.13 -1.53 -31.27
C ASN A 307 11.98 -0.97 -30.44
N ALA A 308 12.29 0.06 -29.64
CA ALA A 308 11.32 0.69 -28.77
C ALA A 308 10.39 1.61 -29.53
N TYR A 309 9.10 1.55 -29.19
CA TYR A 309 8.09 2.49 -29.66
C TYR A 309 7.44 3.34 -28.55
N MET A 310 7.62 2.94 -27.30
CA MET A 310 7.09 3.72 -26.20
C MET A 310 7.94 3.53 -24.95
N LEU A 311 8.09 4.60 -24.20
CA LEU A 311 8.91 4.60 -22.98
C LEU A 311 8.06 5.14 -21.85
N VAL A 312 8.26 4.57 -20.65
CA VAL A 312 7.67 5.12 -19.44
C VAL A 312 8.80 5.51 -18.48
N TYR A 313 8.79 6.77 -18.10
CA TYR A 313 9.66 7.31 -17.09
C TYR A 313 8.83 7.71 -15.89
N ILE A 314 9.45 7.63 -14.71
CA ILE A 314 8.84 8.12 -13.47
C ILE A 314 9.77 9.15 -12.82
N ARG A 315 9.18 10.24 -12.34
CA ARG A 315 9.94 11.35 -11.75
C ARG A 315 10.58 10.85 -10.46
N GLU A 316 11.88 11.07 -10.32
CA GLU A 316 12.66 10.58 -9.14
C GLU A 316 12.04 10.88 -7.78
N SER A 317 11.58 12.11 -7.61
CA SER A 317 10.95 12.56 -6.38
C SER A 317 9.60 11.88 -6.07
N LYS A 318 9.00 11.25 -7.08
CA LYS A 318 7.68 10.62 -6.94
C LYS A 318 7.78 9.12 -6.94
N LEU A 319 8.97 8.58 -7.16
CA LEU A 319 9.15 7.18 -7.49
C LEU A 319 8.66 6.27 -6.37
N SER A 320 9.12 6.55 -5.14
CA SER A 320 8.75 5.76 -3.97
C SER A 320 7.22 5.72 -3.75
N GLU A 321 6.55 6.82 -4.10
CA GLU A 321 5.10 6.92 -4.03
C GLU A 321 4.40 6.33 -5.26
N VAL A 322 4.89 6.53 -6.47
CA VAL A 322 4.26 5.87 -7.63
C VAL A 322 4.40 4.34 -7.53
N LEU A 323 5.56 3.88 -7.10
CA LEU A 323 5.86 2.45 -6.99
C LEU A 323 5.74 1.96 -5.57
N GLN A 324 5.01 2.73 -4.74
CA GLN A 324 4.59 2.32 -3.41
C GLN A 324 4.09 0.89 -3.46
N ALA A 325 4.51 0.06 -2.51
CA ALA A 325 4.16 -1.38 -2.59
C ALA A 325 2.65 -1.67 -2.38
N VAL A 326 2.21 -2.79 -2.96
CA VAL A 326 0.81 -3.18 -2.94
C VAL A 326 0.71 -4.50 -2.17
N THR A 327 -0.10 -4.51 -1.11
CA THR A 327 -0.27 -5.67 -0.22
C THR A 327 -1.72 -6.17 -0.32
N ASP A 328 -2.03 -7.25 0.39
CA ASP A 328 -3.39 -7.80 0.40
C ASP A 328 -4.38 -6.78 0.97
N HIS A 329 -3.92 -5.94 1.90
CA HIS A 329 -4.73 -4.85 2.47
C HIS A 329 -5.22 -3.80 1.47
N ASP A 330 -4.57 -3.67 0.32
CA ASP A 330 -5.02 -2.75 -0.71
C ASP A 330 -6.14 -3.30 -1.61
N ILE A 331 -6.53 -4.57 -1.41
CA ILE A 331 -7.65 -5.17 -2.17
C ILE A 331 -8.81 -5.36 -1.23
N PRO A 332 -9.88 -4.56 -1.39
CA PRO A 332 -11.06 -4.72 -0.53
C PRO A 332 -11.60 -6.15 -0.57
N GLN A 333 -12.02 -6.67 0.58
CA GLN A 333 -12.64 -8.00 0.64
C GLN A 333 -13.84 -8.17 -0.29
N GLN A 334 -14.69 -7.15 -0.37
CA GLN A 334 -15.84 -7.19 -1.28
C GLN A 334 -15.40 -7.42 -2.75
N LEU A 335 -14.33 -6.74 -3.17
CA LEU A 335 -13.77 -6.96 -4.51
C LEU A 335 -13.27 -8.41 -4.67
N VAL A 336 -12.54 -8.91 -3.67
CA VAL A 336 -11.98 -10.28 -3.71
C VAL A 336 -13.09 -11.32 -3.89
N GLU A 337 -14.18 -11.15 -3.12
CA GLU A 337 -15.35 -12.02 -3.18
C GLU A 337 -16.04 -11.94 -4.55
N ARG A 338 -16.28 -10.72 -5.05
CA ARG A 338 -16.87 -10.50 -6.38
C ARG A 338 -16.05 -11.18 -7.50
N LEU A 339 -14.73 -11.13 -7.40
CA LEU A 339 -13.84 -11.73 -8.40
C LEU A 339 -13.76 -13.24 -8.33
N GLN A 340 -13.89 -13.81 -7.13
CA GLN A 340 -14.04 -15.25 -6.97
C GLN A 340 -15.38 -15.72 -7.52
N GLU A 341 -16.44 -14.96 -7.18
CA GLU A 341 -17.77 -15.19 -7.76
CA GLU A 341 -17.77 -15.16 -7.76
C GLU A 341 -17.70 -15.17 -9.29
N GLU A 342 -16.91 -14.25 -9.85
CA GLU A 342 -16.70 -14.15 -11.30
C GLU A 342 -15.99 -15.36 -11.90
N LYS A 343 -15.01 -15.92 -11.18
CA LYS A 343 -14.27 -17.09 -11.64
C LYS A 343 -15.16 -18.33 -11.64
N ARG A 344 -16.05 -18.45 -10.65
CA ARG A 344 -17.02 -19.56 -10.61
C ARG A 344 -18.02 -19.52 -11.76
N ILE A 345 -18.57 -18.33 -12.05
CA ILE A 345 -19.55 -18.15 -13.13
C ILE A 345 -18.96 -18.47 -14.52
N GLU A 346 -17.68 -18.13 -14.74
CA GLU A 346 -16.97 -18.49 -15.98
C GLU A 346 -16.61 -19.99 -16.04
N ALA A 347 -16.23 -20.56 -14.90
CA ALA A 347 -16.05 -22.02 -14.78
C ALA A 347 -17.33 -22.82 -15.09
N GLN A 348 -18.50 -22.18 -14.96
CA GLN A 348 -19.81 -22.77 -15.29
C GLN A 348 -20.24 -22.51 -16.75
N LYS A 349 -19.87 -21.36 -17.30
CA LYS A 349 -20.10 -21.06 -18.73
C LYS A 349 -19.27 -21.96 -19.66
N ARG A 350 -18.07 -22.34 -19.21
CA ARG A 350 -17.22 -23.29 -19.97
C ARG A 350 -17.79 -24.72 -19.97
N LYS A 351 -18.40 -25.14 -18.85
CA LYS A 351 -19.04 -26.44 -18.77
C LYS A 351 -20.31 -26.48 -19.61
N GLU A 352 -21.07 -25.39 -19.60
CA GLU A 352 -22.29 -25.28 -20.41
C GLU A 352 -22.02 -25.19 -21.93
N ARG A 353 -20.85 -24.67 -22.30
CA ARG A 353 -20.48 -24.51 -23.72
C ARG A 353 -20.06 -25.85 -24.36
N GLN A 354 -19.32 -26.69 -23.63
CA GLN A 354 -18.91 -28.01 -24.14
C GLN A 354 -20.08 -29.02 -24.25
N GLU A 355 -21.08 -28.87 -23.37
CA GLU A 355 -22.30 -29.72 -23.37
C GLU A 355 -23.18 -29.57 -24.61
N HIS A 356 -23.22 -28.36 -25.18
CA HIS A 356 -24.02 -28.10 -26.37
C HIS A 356 -23.37 -28.56 -27.68
N HIS A 357 -22.06 -28.81 -27.66
CA HIS A 357 -21.26 -29.09 -28.88
C HIS A 357 -21.03 -30.59 -29.08
N MET B 1 12.76 20.44 17.74
CA MET B 1 11.86 19.58 18.57
C MET B 1 11.92 18.12 18.10
N SER B 2 11.07 17.26 18.68
CA SER B 2 11.02 15.84 18.33
C SER B 2 10.73 15.53 16.85
N LYS B 3 9.88 16.34 16.23
CA LYS B 3 9.55 16.17 14.81
C LYS B 3 10.80 16.35 13.94
N LYS B 4 11.69 17.23 14.36
CA LYS B 4 12.94 17.50 13.66
C LYS B 4 13.97 16.40 13.98
N HIS B 5 14.06 16.00 15.25
CA HIS B 5 15.10 15.09 15.73
C HIS B 5 14.90 13.64 15.29
N THR B 6 13.75 13.08 15.65
CA THR B 6 13.39 11.68 15.38
C THR B 6 12.56 11.50 14.10
N GLY B 7 11.82 12.55 13.71
CA GLY B 7 10.77 12.44 12.70
C GLY B 7 9.38 12.16 13.31
N TYR B 8 9.30 12.13 14.65
CA TYR B 8 8.08 11.69 15.35
C TYR B 8 7.67 12.72 16.39
N VAL B 9 6.38 12.98 16.49
CA VAL B 9 5.84 13.99 17.41
C VAL B 9 5.17 13.31 18.61
N GLY B 10 5.16 14.00 19.75
CA GLY B 10 4.57 13.48 20.98
C GLY B 10 3.10 13.79 21.15
N LEU B 11 2.57 13.37 22.29
CA LEU B 11 1.22 13.67 22.72
C LEU B 11 1.31 14.52 23.95
N LYS B 12 0.36 15.45 24.08
CA LYS B 12 0.29 16.30 25.27
C LYS B 12 0.18 15.42 26.47
N ASN B 13 0.96 15.75 27.49
CA ASN B 13 0.81 15.17 28.80
C ASN B 13 -0.60 15.42 29.27
N GLN B 14 -1.23 14.35 29.76
CA GLN B 14 -2.50 14.43 30.42
C GLN B 14 -2.37 13.56 31.67
N GLY B 15 -2.46 14.18 32.84
CA GLY B 15 -2.45 13.44 34.11
C GLY B 15 -3.65 12.53 34.22
N ALA B 16 -4.72 12.90 33.54
CA ALA B 16 -5.97 12.16 33.60
C ALA B 16 -5.95 10.83 32.87
N THR B 17 -5.04 10.62 31.92
CA THR B 17 -5.21 9.52 30.97
C THR B 17 -4.27 8.33 31.12
N CYS B 18 -3.29 8.41 32.01
CA CYS B 18 -2.48 7.24 32.38
C CYS B 18 -1.79 6.53 31.19
N TYR B 19 -2.16 5.27 30.92
CA TYR B 19 -1.62 4.45 29.82
C TYR B 19 -2.08 4.87 28.42
N MET B 20 -2.96 5.86 28.29
CA MET B 20 -3.52 6.19 26.98
C MET B 20 -2.49 6.62 25.93
N ASN B 21 -1.67 7.62 26.24
CA ASN B 21 -0.69 8.11 25.27
C ASN B 21 0.19 6.97 24.77
N SER B 22 0.63 6.11 25.69
CA SER B 22 1.46 4.96 25.33
C SER B 22 0.76 4.04 24.31
N LEU B 23 -0.52 3.75 24.54
CA LEU B 23 -1.30 2.93 23.65
C LEU B 23 -1.54 3.61 22.31
N LEU B 24 -1.75 4.92 22.31
CA LEU B 24 -2.06 5.63 21.08
C LEU B 24 -0.89 5.66 20.11
N GLN B 25 0.31 5.89 20.64
CA GLN B 25 1.53 5.81 19.82
C GLN B 25 1.72 4.41 19.21
N THR B 26 1.45 3.41 20.03
CA THR B 26 1.56 1.99 19.64
C THR B 26 0.65 1.67 18.45
N LEU B 27 -0.61 2.10 18.55
CA LEU B 27 -1.58 1.90 17.46
C LEU B 27 -1.28 2.74 16.22
N PHE B 28 -0.74 3.95 16.43
CA PHE B 28 -0.37 4.88 15.35
C PHE B 28 0.70 4.28 14.45
N PHE B 29 1.69 3.65 15.07
CA PHE B 29 2.79 3.00 14.38
C PHE B 29 2.49 1.56 13.92
N THR B 30 1.25 1.10 14.16
CA THR B 30 0.69 -0.05 13.44
C THR B 30 0.15 0.49 12.11
N ASN B 31 1.07 0.72 11.16
CA ASN B 31 0.79 1.50 9.96
C ASN B 31 -0.46 1.05 9.18
N GLN B 32 -0.66 -0.25 9.07
CA GLN B 32 -1.79 -0.76 8.31
C GLN B 32 -3.13 -0.44 9.02
N LEU B 33 -3.15 -0.47 10.34
CA LEU B 33 -4.30 0.05 11.08
C LEU B 33 -4.53 1.53 10.80
N ARG B 34 -3.48 2.32 10.85
CA ARG B 34 -3.56 3.77 10.62
C ARG B 34 -4.10 4.11 9.22
N LYS B 35 -3.63 3.34 8.22
CA LYS B 35 -4.11 3.49 6.83
C LYS B 35 -5.60 3.19 6.70
N ALA B 36 -6.04 2.09 7.30
CA ALA B 36 -7.45 1.72 7.26
C ALA B 36 -8.33 2.73 8.01
N VAL B 37 -7.83 3.26 9.12
CA VAL B 37 -8.56 4.30 9.86
C VAL B 37 -8.75 5.55 9.02
N TYR B 38 -7.70 5.95 8.29
CA TYR B 38 -7.80 7.11 7.38
C TYR B 38 -8.82 6.89 6.27
N MET B 39 -9.04 5.64 5.88
CA MET B 39 -9.94 5.31 4.77
C MET B 39 -11.40 5.09 5.19
N MET B 40 -11.68 5.05 6.51
CA MET B 40 -13.06 4.99 7.03
C MET B 40 -13.86 6.21 6.58
N PRO B 41 -15.12 6.01 6.12
CA PRO B 41 -15.97 7.13 5.75
C PRO B 41 -16.70 7.74 6.95
N THR B 42 -16.21 8.88 7.42
CA THR B 42 -16.72 9.58 8.57
C THR B 42 -17.38 10.95 8.27
N GLU B 43 -17.41 11.34 6.99
CA GLU B 43 -18.10 12.56 6.52
C GLU B 43 -19.38 12.98 7.28
N GLY B 44 -20.26 12.02 7.57
CA GLY B 44 -21.53 12.29 8.25
C GLY B 44 -21.52 12.22 9.78
N ASP B 45 -20.38 11.86 10.39
CA ASP B 45 -20.30 11.67 11.85
C ASP B 45 -20.31 13.00 12.61
N ASP B 46 -20.66 12.94 13.89
CA ASP B 46 -20.59 14.12 14.78
C ASP B 46 -19.14 14.43 15.16
N SER B 47 -18.70 15.66 14.87
CA SER B 47 -17.35 16.15 15.20
C SER B 47 -16.70 15.66 16.50
N SER B 48 -17.50 15.55 17.56
CA SER B 48 -17.00 15.27 18.92
C SER B 48 -17.44 13.94 19.57
N LYS B 49 -18.42 13.26 19.01
CA LYS B 49 -18.90 11.98 19.58
C LYS B 49 -18.46 10.73 18.82
N SER B 50 -17.96 10.89 17.60
CA SER B 50 -17.47 9.75 16.85
C SER B 50 -16.06 9.35 17.30
N VAL B 51 -15.94 8.15 17.89
CA VAL B 51 -14.63 7.57 18.17
C VAL B 51 -13.84 7.41 16.86
N PRO B 52 -14.47 6.92 15.77
CA PRO B 52 -13.75 6.85 14.50
C PRO B 52 -13.17 8.19 14.02
N LEU B 53 -13.94 9.27 14.11
CA LEU B 53 -13.48 10.58 13.66
C LEU B 53 -12.40 11.16 14.56
N ALA B 54 -12.49 10.93 15.86
CA ALA B 54 -11.51 11.46 16.81
C ALA B 54 -10.18 10.76 16.62
N LEU B 55 -10.26 9.46 16.37
CA LEU B 55 -9.05 8.65 16.17
C LEU B 55 -8.36 9.05 14.86
N GLN B 56 -9.14 9.31 13.83
CA GLN B 56 -8.61 9.87 12.55
C GLN B 56 -7.84 11.16 12.80
N ARG B 57 -8.43 12.05 13.59
CA ARG B 57 -7.83 13.34 13.89
C ARG B 57 -6.53 13.12 14.64
N VAL B 58 -6.54 12.27 15.67
CA VAL B 58 -5.32 12.05 16.44
C VAL B 58 -4.21 11.49 15.56
N PHE B 59 -4.54 10.47 14.78
CA PHE B 59 -3.57 9.86 13.88
C PHE B 59 -3.05 10.88 12.87
N TYR B 60 -3.95 11.60 12.20
CA TYR B 60 -3.52 12.61 11.23
C TYR B 60 -2.51 13.59 11.84
N GLU B 61 -2.77 14.04 13.06
CA GLU B 61 -1.93 15.04 13.70
C GLU B 61 -0.60 14.47 14.16
N LEU B 62 -0.61 13.25 14.70
CA LEU B 62 0.63 12.56 15.01
C LEU B 62 1.52 12.40 13.79
N GLN B 63 0.91 12.32 12.60
CA GLN B 63 1.66 12.25 11.35
C GLN B 63 2.15 13.61 10.79
N HIS B 64 1.37 14.68 10.98
CA HIS B 64 1.66 15.97 10.32
C HIS B 64 1.99 17.13 11.24
N SER B 65 1.56 17.07 12.50
CA SER B 65 1.80 18.18 13.43
C SER B 65 3.27 18.25 13.85
N ASP B 66 3.76 19.49 13.98
CA ASP B 66 5.08 19.77 14.58
C ASP B 66 4.98 19.90 16.10
N LYS B 67 3.76 20.10 16.60
CA LYS B 67 3.47 20.35 18.02
C LYS B 67 2.84 19.12 18.70
N PRO B 68 2.99 19.01 20.04
CA PRO B 68 2.36 17.93 20.81
C PRO B 68 0.87 17.79 20.54
N VAL B 69 0.41 16.57 20.35
CA VAL B 69 -0.95 16.31 19.89
C VAL B 69 -1.90 16.17 21.08
N GLY B 70 -3.08 16.77 20.96
CA GLY B 70 -4.10 16.74 22.02
C GLY B 70 -5.01 15.54 21.88
N THR B 71 -5.60 15.08 23.00
CA THR B 71 -6.50 13.90 23.02
C THR B 71 -7.87 14.16 23.69
N LYS B 72 -8.19 15.42 23.99
CA LYS B 72 -9.45 15.74 24.70
C LYS B 72 -10.69 15.30 23.94
N LYS B 73 -10.73 15.60 22.64
CA LYS B 73 -11.84 15.15 21.80
C LYS B 73 -11.94 13.63 21.70
N LEU B 74 -10.78 12.96 21.66
CA LEU B 74 -10.75 11.50 21.69
C LEU B 74 -11.39 10.95 22.97
N THR B 75 -10.93 11.42 24.11
CA THR B 75 -11.46 10.91 25.40
C THR B 75 -12.97 11.26 25.55
N LYS B 76 -13.36 12.43 25.05
CA LYS B 76 -14.76 12.80 25.06
C LYS B 76 -15.58 11.80 24.24
N SER B 77 -15.07 11.42 23.06
CA SER B 77 -15.83 10.55 22.17
C SER B 77 -16.21 9.16 22.77
N PHE B 78 -15.37 8.57 23.61
CA PHE B 78 -15.75 7.27 24.25
C PHE B 78 -16.15 7.39 25.73
N GLY B 79 -16.41 8.61 26.19
CA GLY B 79 -16.94 8.84 27.53
C GLY B 79 -16.01 8.59 28.70
N TRP B 80 -14.70 8.51 28.47
CA TRP B 80 -13.72 8.40 29.56
C TRP B 80 -13.12 9.78 29.82
N GLU B 81 -13.90 10.66 30.43
CA GLU B 81 -13.50 12.07 30.59
C GLU B 81 -12.80 12.40 31.92
N THR B 82 -12.68 11.43 32.84
CA THR B 82 -12.05 11.64 34.15
C THR B 82 -11.02 10.54 34.44
N LEU B 83 -10.15 10.81 35.41
CA LEU B 83 -9.15 9.83 35.93
C LEU B 83 -9.78 8.46 36.25
N ASP B 84 -10.97 8.50 36.85
CA ASP B 84 -11.64 7.31 37.37
C ASP B 84 -11.89 6.24 36.31
N SER B 85 -12.24 6.66 35.10
CA SER B 85 -12.43 5.74 33.96
C SER B 85 -11.18 4.92 33.64
N PHE B 86 -10.03 5.59 33.63
CA PHE B 86 -8.76 4.93 33.40
C PHE B 86 -8.34 4.02 34.55
N MET B 87 -8.71 4.39 35.78
CA MET B 87 -8.47 3.56 36.95
C MET B 87 -9.34 2.31 37.04
N GLN B 88 -10.47 2.29 36.34
CA GLN B 88 -11.37 1.14 36.36
C GLN B 88 -11.11 0.13 35.25
N HIS B 89 -10.18 0.42 34.34
CA HIS B 89 -9.99 -0.42 33.16
C HIS B 89 -8.54 -0.82 32.97
N ASP B 90 -8.34 -2.04 32.50
CA ASP B 90 -7.04 -2.46 32.00
C ASP B 90 -6.71 -1.81 30.66
N VAL B 91 -5.44 -1.86 30.29
CA VAL B 91 -4.98 -1.23 29.04
C VAL B 91 -5.66 -1.87 27.82
N GLN B 92 -5.79 -3.20 27.86
CA GLN B 92 -6.42 -3.97 26.78
C GLN B 92 -7.88 -3.61 26.60
N GLU B 93 -8.54 -3.24 27.71
CA GLU B 93 -9.92 -2.79 27.66
C GLU B 93 -10.08 -1.49 26.91
N LEU B 94 -9.14 -0.56 27.10
CA LEU B 94 -9.10 0.66 26.29
C LEU B 94 -8.84 0.32 24.83
N CYS B 95 -7.90 -0.58 24.61
CA CYS B 95 -7.58 -0.97 23.23
C CYS B 95 -8.82 -1.50 22.53
N ARG B 96 -9.57 -2.39 23.18
CA ARG B 96 -10.79 -2.91 22.59
C ARG B 96 -11.83 -1.84 22.29
N VAL B 97 -12.01 -0.85 23.17
CA VAL B 97 -12.95 0.25 22.89
C VAL B 97 -12.57 0.93 21.58
N LEU B 98 -11.28 1.24 21.40
CA LEU B 98 -10.84 1.92 20.19
C LEU B 98 -10.96 1.02 18.96
N LEU B 99 -10.47 -0.21 19.07
CA LEU B 99 -10.48 -1.11 17.92
C LEU B 99 -11.87 -1.63 17.55
N ASP B 100 -12.72 -1.93 18.55
CA ASP B 100 -14.11 -2.38 18.28
C ASP B 100 -14.92 -1.32 17.56
N ASN B 101 -14.82 -0.08 18.02
CA ASN B 101 -15.50 1.03 17.34
C ASN B 101 -15.09 1.12 15.88
N VAL B 102 -13.78 1.16 15.60
CA VAL B 102 -13.32 1.34 14.22
C VAL B 102 -13.61 0.09 13.38
N GLU B 103 -13.47 -1.10 13.98
CA GLU B 103 -13.85 -2.36 13.31
C GLU B 103 -15.29 -2.29 12.83
N ASN B 104 -16.19 -1.87 13.71
CA ASN B 104 -17.63 -1.68 13.34
C ASN B 104 -17.82 -0.63 12.28
N LYS B 105 -17.15 0.50 12.41
CA LYS B 105 -17.28 1.58 11.43
C LYS B 105 -16.77 1.21 10.04
N MET B 106 -15.82 0.27 9.97
CA MET B 106 -15.29 -0.23 8.70
C MET B 106 -16.16 -1.29 8.00
N LYS B 107 -17.14 -1.84 8.70
CA LYS B 107 -18.05 -2.85 8.11
C LYS B 107 -18.84 -2.25 6.96
N GLY B 108 -18.92 -3.00 5.86
CA GLY B 108 -19.52 -2.52 4.63
C GLY B 108 -18.68 -1.56 3.82
N THR B 109 -17.44 -1.29 4.25
CA THR B 109 -16.54 -0.37 3.53
C THR B 109 -15.40 -1.13 2.86
N CYS B 110 -14.66 -0.40 2.03
CA CYS B 110 -13.49 -0.92 1.31
C CYS B 110 -12.38 -1.47 2.23
N VAL B 111 -12.45 -1.12 3.50
CA VAL B 111 -11.42 -1.45 4.43
C VAL B 111 -11.96 -2.37 5.57
N GLU B 112 -13.13 -2.96 5.33
CA GLU B 112 -13.72 -3.99 6.18
C GLU B 112 -12.81 -5.21 6.36
N GLY B 113 -12.72 -5.68 7.60
CA GLY B 113 -11.96 -6.90 7.94
C GLY B 113 -10.52 -6.66 8.34
N THR B 114 -10.07 -5.43 8.32
CA THR B 114 -8.67 -5.10 8.58
C THR B 114 -8.22 -5.46 10.00
N ILE B 115 -9.08 -5.15 10.96
CA ILE B 115 -8.74 -5.33 12.36
C ILE B 115 -8.59 -6.80 12.72
N PRO B 116 -9.55 -7.66 12.34
CA PRO B 116 -9.32 -9.09 12.60
C PRO B 116 -8.08 -9.61 11.89
N LYS B 117 -7.85 -9.15 10.67
CA LYS B 117 -6.65 -9.55 9.93
C LYS B 117 -5.36 -9.23 10.65
N LEU B 118 -5.30 -8.05 11.24
CA LEU B 118 -4.11 -7.60 11.98
C LEU B 118 -3.95 -8.23 13.38
N PHE B 119 -5.05 -8.31 14.14
CA PHE B 119 -4.97 -8.55 15.59
C PHE B 119 -5.60 -9.86 16.08
N ARG B 120 -6.37 -10.55 15.23
CA ARG B 120 -7.18 -11.64 15.70
C ARG B 120 -6.49 -12.99 15.47
N GLY B 121 -6.30 -13.76 16.55
CA GLY B 121 -5.82 -15.11 16.51
C GLY B 121 -6.91 -16.06 16.99
N LYS B 122 -6.61 -17.35 16.97
CA LYS B 122 -7.54 -18.39 17.35
C LYS B 122 -6.87 -19.39 18.28
N MET B 123 -7.61 -19.80 19.33
CA MET B 123 -7.19 -20.88 20.23
CA MET B 123 -7.19 -20.88 20.24
C MET B 123 -8.32 -21.90 20.45
N VAL B 124 -7.96 -23.03 21.07
CA VAL B 124 -8.95 -24.04 21.49
C VAL B 124 -8.76 -24.33 22.96
N SER B 125 -9.84 -24.29 23.72
CA SER B 125 -9.87 -24.84 25.06
C SER B 125 -10.42 -26.24 24.90
N TYR B 126 -9.69 -27.23 25.43
CA TYR B 126 -10.05 -28.64 25.30
C TYR B 126 -10.19 -29.29 26.67
N ILE B 127 -11.09 -30.26 26.75
CA ILE B 127 -11.12 -31.24 27.83
C ILE B 127 -11.17 -32.61 27.18
N GLN B 128 -10.09 -33.38 27.35
CA GLN B 128 -10.06 -34.77 26.88
C GLN B 128 -10.15 -35.73 28.08
N CYS B 129 -11.20 -36.53 28.12
CA CYS B 129 -11.27 -37.63 29.08
C CYS B 129 -10.18 -38.66 28.76
N LYS B 130 -9.51 -39.16 29.80
CA LYS B 130 -8.40 -40.11 29.64
C LYS B 130 -8.89 -41.55 29.51
N GLU B 131 -9.89 -41.93 30.30
CA GLU B 131 -10.41 -43.30 30.33
C GLU B 131 -11.49 -43.58 29.26
N VAL B 132 -12.01 -42.54 28.61
CA VAL B 132 -12.92 -42.68 27.45
C VAL B 132 -12.62 -41.61 26.39
N ASP B 133 -13.16 -41.80 25.19
CA ASP B 133 -12.79 -40.97 24.02
C ASP B 133 -13.38 -39.55 23.98
N TYR B 134 -14.39 -39.28 24.81
CA TYR B 134 -15.17 -38.02 24.72
C TYR B 134 -14.32 -36.77 25.03
N ARG B 135 -14.02 -35.99 23.97
CA ARG B 135 -13.33 -34.71 24.08
C ARG B 135 -14.36 -33.60 24.24
N SER B 136 -13.89 -32.38 24.51
CA SER B 136 -14.75 -31.20 24.53
C SER B 136 -13.99 -29.93 24.12
N ASP B 137 -13.76 -29.81 22.81
CA ASP B 137 -13.07 -28.64 22.23
C ASP B 137 -13.95 -27.40 22.27
N ARG B 138 -13.30 -26.23 22.26
CA ARG B 138 -14.02 -24.96 22.18
C ARG B 138 -13.10 -23.87 21.59
N ARG B 139 -13.31 -23.60 20.30
CA ARG B 139 -12.57 -22.57 19.58
C ARG B 139 -12.94 -21.16 20.07
N GLU B 140 -11.95 -20.35 20.42
CA GLU B 140 -12.17 -18.94 20.77
C GLU B 140 -11.24 -18.04 19.95
N ASP B 141 -11.78 -16.91 19.49
CA ASP B 141 -11.00 -15.85 18.89
C ASP B 141 -10.42 -15.02 20.01
N TYR B 142 -9.26 -14.45 19.79
CA TYR B 142 -8.68 -13.52 20.74
C TYR B 142 -8.01 -12.37 19.99
N TYR B 143 -7.97 -11.19 20.62
CA TYR B 143 -7.24 -10.01 20.10
C TYR B 143 -6.00 -9.62 20.94
N ASP B 144 -5.80 -10.29 22.07
CA ASP B 144 -4.67 -10.02 22.94
C ASP B 144 -4.51 -11.21 23.85
N ILE B 145 -3.36 -11.29 24.51
CA ILE B 145 -3.07 -12.39 25.43
C ILE B 145 -2.58 -11.78 26.73
N GLN B 146 -3.07 -12.28 27.86
CA GLN B 146 -2.65 -11.84 29.18
C GLN B 146 -1.74 -12.93 29.73
N LEU B 147 -0.48 -12.60 29.99
CA LEU B 147 0.51 -13.61 30.38
C LEU B 147 0.82 -13.56 31.88
N SER B 148 0.82 -14.72 32.54
CA SER B 148 1.17 -14.77 33.95
C SER B 148 2.67 -14.56 34.08
N ILE B 149 3.07 -13.61 34.91
CA ILE B 149 4.51 -13.34 35.16
C ILE B 149 4.97 -13.75 36.56
N LYS B 150 4.03 -13.93 37.49
CA LYS B 150 4.37 -14.24 38.88
C LYS B 150 5.02 -15.63 38.93
N GLY B 151 6.26 -15.69 39.40
CA GLY B 151 7.02 -16.93 39.42
C GLY B 151 7.59 -17.44 38.09
N LYS B 152 7.47 -16.62 37.02
CA LYS B 152 7.98 -16.97 35.69
C LYS B 152 9.21 -16.09 35.37
N LYS B 153 10.22 -16.72 34.78
CA LYS B 153 11.45 -16.04 34.36
C LYS B 153 11.21 -15.08 33.21
N ASN B 154 10.49 -15.57 32.21
CA ASN B 154 10.43 -14.92 30.91
C ASN B 154 9.20 -15.34 30.09
N ILE B 155 9.07 -14.74 28.91
CA ILE B 155 7.94 -14.98 28.02
C ILE B 155 7.79 -16.46 27.66
N PHE B 156 8.91 -17.13 27.40
CA PHE B 156 8.89 -18.56 27.14
C PHE B 156 8.16 -19.30 28.27
N GLU B 157 8.61 -19.09 29.50
CA GLU B 157 7.97 -19.74 30.66
C GLU B 157 6.49 -19.38 30.83
N SER B 158 6.10 -18.16 30.47
CA SER B 158 4.68 -17.76 30.55
CA SER B 158 4.69 -17.77 30.57
C SER B 158 3.83 -18.50 29.53
N PHE B 159 4.32 -18.59 28.29
CA PHE B 159 3.62 -19.39 27.25
C PHE B 159 3.59 -20.89 27.62
N VAL B 160 4.65 -21.40 28.24
CA VAL B 160 4.63 -22.79 28.74
C VAL B 160 3.48 -22.93 29.75
N ASP B 161 3.41 -22.00 30.72
CA ASP B 161 2.35 -22.02 31.72
C ASP B 161 0.99 -21.85 31.06
N TYR B 162 0.91 -20.97 30.06
CA TYR B 162 -0.36 -20.72 29.36
C TYR B 162 -0.98 -21.99 28.73
N VAL B 163 -0.16 -22.82 28.09
CA VAL B 163 -0.63 -24.08 27.45
C VAL B 163 -0.46 -25.37 28.30
N ALA B 164 -0.17 -25.21 29.59
CA ALA B 164 0.10 -26.36 30.45
C ALA B 164 -1.19 -27.11 30.72
N VAL B 165 -1.06 -28.42 30.88
CA VAL B 165 -2.21 -29.32 31.05
C VAL B 165 -2.55 -29.40 32.54
N GLU B 166 -3.84 -29.27 32.85
CA GLU B 166 -4.34 -29.44 34.21
C GLU B 166 -4.99 -30.83 34.29
N GLN B 167 -4.61 -31.63 35.28
CA GLN B 167 -5.28 -32.92 35.49
C GLN B 167 -6.57 -32.71 36.26
N LEU B 168 -7.66 -33.28 35.75
CA LEU B 168 -8.96 -33.32 36.45
C LEU B 168 -9.15 -34.75 36.97
N ASP B 169 -8.69 -35.01 38.19
CA ASP B 169 -8.73 -36.36 38.77
C ASP B 169 -9.11 -36.36 40.25
N GLY B 170 -9.50 -37.54 40.73
CA GLY B 170 -9.91 -37.75 42.12
C GLY B 170 -11.04 -36.85 42.56
N ASP B 171 -10.70 -35.81 43.31
CA ASP B 171 -11.67 -34.90 43.91
C ASP B 171 -12.36 -34.07 42.83
N ASN B 172 -11.54 -33.45 41.97
CA ASN B 172 -12.02 -32.56 40.91
C ASN B 172 -12.06 -33.26 39.53
N LYS B 173 -12.87 -34.32 39.45
CA LYS B 173 -13.19 -34.96 38.16
C LYS B 173 -14.15 -34.10 37.32
N TYR B 174 -14.16 -34.33 36.01
CA TYR B 174 -15.00 -33.58 35.06
C TYR B 174 -16.37 -34.25 34.91
N ASP B 175 -17.44 -33.46 35.07
CA ASP B 175 -18.80 -33.99 34.98
C ASP B 175 -19.17 -34.02 33.49
N ALA B 176 -19.24 -35.23 32.94
CA ALA B 176 -19.51 -35.45 31.52
C ALA B 176 -20.99 -35.77 31.25
N GLY B 177 -21.88 -35.33 32.16
CA GLY B 177 -23.32 -35.47 31.96
C GLY B 177 -23.76 -36.92 32.09
N GLU B 178 -24.43 -37.41 31.05
CA GLU B 178 -24.86 -38.82 30.99
C GLU B 178 -23.70 -39.83 31.05
N HIS B 179 -22.49 -39.41 30.68
CA HIS B 179 -21.28 -40.25 30.76
C HIS B 179 -20.60 -40.26 32.15
N GLY B 180 -21.18 -39.58 33.13
CA GLY B 180 -20.72 -39.65 34.52
C GLY B 180 -19.54 -38.74 34.83
N LEU B 181 -18.90 -39.01 35.96
CA LEU B 181 -17.67 -38.30 36.40
C LEU B 181 -16.46 -38.95 35.74
N GLN B 182 -15.61 -38.13 35.13
CA GLN B 182 -14.54 -38.63 34.27
C GLN B 182 -13.20 -37.97 34.58
N GLU B 183 -12.17 -38.80 34.65
CA GLU B 183 -10.79 -38.36 34.73
C GLU B 183 -10.45 -37.76 33.39
N ALA B 184 -9.85 -36.57 33.39
CA ALA B 184 -9.62 -35.79 32.17
C ALA B 184 -8.41 -34.86 32.25
N GLU B 185 -7.95 -34.43 31.07
CA GLU B 185 -6.93 -33.39 30.93
C GLU B 185 -7.59 -32.13 30.35
N LYS B 186 -7.27 -30.99 30.94
CA LYS B 186 -7.79 -29.68 30.54
C LYS B 186 -6.65 -28.74 30.12
N GLY B 187 -6.89 -27.90 29.13
CA GLY B 187 -5.88 -26.94 28.70
C GLY B 187 -6.27 -26.07 27.51
N VAL B 188 -5.31 -25.26 27.09
CA VAL B 188 -5.45 -24.37 25.95
C VAL B 188 -4.35 -24.67 24.94
N LYS B 189 -4.71 -24.58 23.66
CA LYS B 189 -3.73 -24.64 22.57
C LYS B 189 -3.98 -23.49 21.58
N PHE B 190 -2.91 -22.91 21.05
CA PHE B 190 -3.03 -21.89 20.00
C PHE B 190 -3.14 -22.54 18.65
N LEU B 191 -4.10 -22.08 17.85
CA LEU B 191 -4.27 -22.52 16.47
C LEU B 191 -3.56 -21.57 15.53
N THR B 192 -3.80 -20.26 15.71
CA THR B 192 -3.10 -19.21 14.97
C THR B 192 -2.62 -18.11 15.89
N LEU B 193 -1.61 -17.38 15.43
CA LEU B 193 -1.14 -16.18 16.08
C LEU B 193 -1.25 -15.05 15.05
N PRO B 194 -1.77 -13.90 15.44
CA PRO B 194 -2.02 -12.85 14.46
C PRO B 194 -0.73 -12.14 14.01
N PRO B 195 -0.82 -11.33 12.95
CA PRO B 195 0.35 -10.54 12.54
C PRO B 195 0.84 -9.56 13.59
N VAL B 196 -0.08 -8.99 14.37
CA VAL B 196 0.25 -8.07 15.43
C VAL B 196 -0.23 -8.69 16.73
N LEU B 197 0.73 -8.97 17.62
CA LEU B 197 0.51 -9.72 18.84
C LEU B 197 0.57 -8.77 20.03
N HIS B 198 -0.56 -8.55 20.67
CA HIS B 198 -0.62 -7.73 21.88
C HIS B 198 -0.53 -8.63 23.10
N LEU B 199 0.55 -8.49 23.87
CA LEU B 199 0.71 -9.25 25.10
C LEU B 199 0.66 -8.33 26.30
N GLN B 200 -0.30 -8.55 27.20
CA GLN B 200 -0.25 -7.86 28.49
C GLN B 200 0.34 -8.76 29.58
N LEU B 201 1.20 -8.15 30.39
CA LEU B 201 1.86 -8.80 31.47
C LEU B 201 1.03 -8.58 32.73
N MET B 202 0.69 -9.67 33.41
CA MET B 202 -0.21 -9.60 34.55
C MET B 202 0.55 -9.18 35.80
N ARG B 203 0.84 -7.87 35.91
CA ARG B 203 1.54 -7.28 37.05
C ARG B 203 0.63 -6.74 38.20
N PHE B 204 -0.60 -6.37 37.88
CA PHE B 204 -1.52 -5.75 38.85
C PHE B 204 -2.47 -6.81 39.43
N MET B 205 -1.91 -7.70 40.23
CA MET B 205 -2.68 -8.82 40.79
C MET B 205 -3.39 -8.47 42.09
N TYR B 206 -4.55 -9.08 42.26
CA TYR B 206 -5.35 -8.93 43.49
C TYR B 206 -4.61 -9.55 44.67
N ASP B 207 -4.61 -8.83 45.78
CA ASP B 207 -3.99 -9.28 47.03
C ASP B 207 -5.08 -9.62 48.06
N PRO B 208 -5.36 -10.93 48.27
CA PRO B 208 -6.31 -11.38 49.28
C PRO B 208 -6.24 -10.67 50.63
N GLN B 209 -5.04 -10.57 51.18
CA GLN B 209 -4.85 -10.04 52.54
C GLN B 209 -4.89 -8.52 52.68
N THR B 210 -5.15 -7.77 51.59
CA THR B 210 -5.51 -6.34 51.68
C THR B 210 -6.72 -5.93 50.83
N ASP B 211 -7.44 -6.88 50.23
CA ASP B 211 -8.56 -6.62 49.30
C ASP B 211 -8.24 -5.50 48.28
N GLN B 212 -7.07 -5.62 47.65
CA GLN B 212 -6.48 -4.53 46.87
C GLN B 212 -5.58 -5.08 45.76
N ASN B 213 -5.62 -4.44 44.59
CA ASN B 213 -4.68 -4.76 43.53
C ASN B 213 -3.31 -4.19 43.93
N ILE B 214 -2.27 -5.01 43.80
CA ILE B 214 -0.90 -4.60 44.12
C ILE B 214 -0.03 -4.87 42.90
N LYS B 215 0.75 -3.85 42.50
CA LYS B 215 1.69 -4.02 41.40
C LYS B 215 2.89 -4.90 41.81
N ILE B 216 3.04 -6.00 41.09
CA ILE B 216 4.20 -6.88 41.18
C ILE B 216 5.27 -6.26 40.30
N ASN B 217 6.42 -5.90 40.88
CA ASN B 217 7.56 -5.32 40.15
C ASN B 217 8.68 -6.34 39.89
N ASP B 218 8.37 -7.64 40.02
CA ASP B 218 9.35 -8.71 39.84
C ASP B 218 9.98 -8.64 38.45
N ARG B 219 11.20 -9.17 38.34
CA ARG B 219 11.90 -9.27 37.09
C ARG B 219 11.18 -10.25 36.15
N PHE B 220 11.02 -9.82 34.90
CA PHE B 220 10.40 -10.64 33.88
C PHE B 220 11.02 -10.25 32.53
N GLU B 221 11.63 -11.23 31.87
CA GLU B 221 12.44 -10.99 30.69
C GLU B 221 11.63 -11.27 29.44
N PHE B 222 11.81 -10.44 28.42
CA PHE B 222 11.20 -10.62 27.12
C PHE B 222 12.25 -10.38 26.04
N PRO B 223 12.26 -11.22 24.98
CA PRO B 223 13.30 -11.08 23.95
C PRO B 223 12.92 -10.14 22.82
N GLU B 224 13.94 -9.67 22.12
CA GLU B 224 13.78 -8.94 20.87
C GLU B 224 13.10 -9.80 19.79
N GLN B 225 13.56 -11.06 19.70
CA GLN B 225 13.05 -12.01 18.72
C GLN B 225 12.42 -13.17 19.47
N LEU B 226 11.14 -13.43 19.16
CA LEU B 226 10.32 -14.35 19.93
C LEU B 226 9.79 -15.49 19.04
N PRO B 227 10.36 -16.71 19.15
CA PRO B 227 9.87 -17.85 18.37
C PRO B 227 8.75 -18.58 19.12
N LEU B 228 7.60 -18.71 18.47
CA LEU B 228 6.36 -19.24 19.09
C LEU B 228 5.83 -20.54 18.44
N ASP B 229 6.54 -21.09 17.45
CA ASP B 229 6.09 -22.33 16.77
C ASP B 229 5.73 -23.45 17.73
N GLU B 230 6.49 -23.64 18.80
CA GLU B 230 6.21 -24.72 19.76
C GLU B 230 4.94 -24.57 20.60
N PHE B 231 4.27 -23.41 20.55
CA PHE B 231 3.01 -23.20 21.25
C PHE B 231 1.79 -23.30 20.34
N LEU B 232 2.01 -23.61 19.06
CA LEU B 232 0.93 -23.89 18.12
C LEU B 232 0.58 -25.37 18.10
N GLN B 233 -0.68 -25.67 17.78
CA GLN B 233 -1.13 -27.04 17.56
C GLN B 233 -0.42 -27.64 16.35
N LYS B 234 -0.44 -26.90 15.25
CA LYS B 234 0.20 -27.30 14.01
C LYS B 234 0.92 -26.09 13.40
N THR B 235 2.21 -26.28 13.14
CA THR B 235 3.05 -25.24 12.54
C THR B 235 2.92 -25.24 11.04
N ASP B 236 3.37 -24.16 10.44
CA ASP B 236 3.32 -23.94 9.02
C ASP B 236 4.79 -23.82 8.57
N PRO B 237 5.30 -24.83 7.81
CA PRO B 237 6.70 -24.80 7.31
C PRO B 237 7.07 -23.57 6.49
N LYS B 238 6.09 -22.99 5.78
CA LYS B 238 6.31 -21.79 4.98
C LYS B 238 6.24 -20.50 5.79
N ASP B 239 5.71 -20.53 7.02
CA ASP B 239 5.52 -19.32 7.84
C ASP B 239 5.71 -19.67 9.31
N PRO B 240 6.99 -19.75 9.77
CA PRO B 240 7.17 -20.00 11.18
C PRO B 240 6.71 -18.77 11.99
N ALA B 241 6.22 -19.03 13.20
CA ALA B 241 5.69 -17.99 14.06
C ALA B 241 6.82 -17.34 14.85
N ASN B 242 7.70 -16.66 14.10
CA ASN B 242 8.78 -15.86 14.64
C ASN B 242 8.32 -14.42 14.74
N TYR B 243 8.44 -13.84 15.93
CA TYR B 243 7.93 -12.51 16.22
C TYR B 243 9.06 -11.54 16.55
N ILE B 244 8.87 -10.27 16.14
CA ILE B 244 9.85 -9.17 16.27
C ILE B 244 9.23 -8.16 17.23
N LEU B 245 9.99 -7.76 18.25
CA LEU B 245 9.47 -6.81 19.26
C LEU B 245 9.31 -5.42 18.65
N HIS B 246 8.11 -4.86 18.76
CA HIS B 246 7.80 -3.55 18.18
C HIS B 246 7.64 -2.45 19.24
N ALA B 247 6.95 -2.77 20.34
CA ALA B 247 6.60 -1.78 21.38
C ALA B 247 6.69 -2.39 22.75
N VAL B 248 7.20 -1.59 23.69
CA VAL B 248 7.23 -1.90 25.10
C VAL B 248 6.55 -0.76 25.86
N LEU B 249 5.39 -1.01 26.46
CA LEU B 249 4.74 0.03 27.25
C LEU B 249 5.17 -0.18 28.69
N VAL B 250 5.62 0.91 29.32
CA VAL B 250 6.35 0.86 30.58
C VAL B 250 5.68 1.76 31.61
N HIS B 251 5.75 1.33 32.87
CA HIS B 251 5.23 2.08 33.99
C HIS B 251 6.30 2.11 35.09
N SER B 252 6.44 3.27 35.75
CA SER B 252 7.29 3.46 36.91
C SER B 252 6.42 3.76 38.11
N GLY B 253 6.71 3.09 39.24
CA GLY B 253 5.96 3.27 40.50
C GLY B 253 4.92 2.18 40.70
N ASP B 254 3.98 2.40 41.62
CA ASP B 254 3.04 1.35 42.03
C ASP B 254 1.55 1.73 41.94
N ASN B 255 1.26 2.85 41.28
CA ASN B 255 -0.10 3.36 41.16
C ASN B 255 -0.29 4.14 39.86
N HIS B 256 -1.55 4.54 39.63
CA HIS B 256 -1.97 5.31 38.45
C HIS B 256 -1.37 6.73 38.36
N GLY B 257 -0.76 7.22 39.43
CA GLY B 257 -0.01 8.49 39.37
C GLY B 257 1.41 8.37 38.84
N GLY B 258 1.86 7.13 38.60
CA GLY B 258 3.19 6.87 38.12
C GLY B 258 3.43 7.33 36.69
N HIS B 259 4.64 7.03 36.23
CA HIS B 259 5.17 7.54 34.97
C HIS B 259 4.97 6.52 33.86
N TYR B 260 4.05 6.82 32.94
CA TYR B 260 3.80 5.98 31.80
C TYR B 260 4.62 6.46 30.59
N VAL B 261 5.47 5.58 30.05
CA VAL B 261 6.16 5.84 28.77
C VAL B 261 6.02 4.64 27.85
N VAL B 262 6.27 4.83 26.56
CA VAL B 262 6.33 3.71 25.63
C VAL B 262 7.59 3.77 24.78
N TYR B 263 8.21 2.61 24.62
CA TYR B 263 9.32 2.47 23.70
C TYR B 263 8.84 1.82 22.42
N LEU B 264 9.23 2.35 21.27
CA LEU B 264 8.94 1.75 19.96
C LEU B 264 10.16 1.76 19.08
N ASN B 265 10.31 0.75 18.23
CA ASN B 265 11.16 0.88 17.03
C ASN B 265 10.20 0.88 15.86
N PRO B 266 9.65 2.07 15.53
CA PRO B 266 8.48 2.11 14.63
C PRO B 266 8.61 1.41 13.28
N LYS B 267 9.81 1.37 12.73
CA LYS B 267 10.01 0.81 11.40
C LYS B 267 10.33 -0.65 11.45
N GLY B 268 10.46 -1.22 12.66
CA GLY B 268 10.79 -2.64 12.84
C GLY B 268 12.25 -2.97 12.56
N ASP B 269 13.09 -1.93 12.53
CA ASP B 269 14.52 -2.01 12.15
C ASP B 269 15.48 -1.98 13.35
N GLY B 270 14.97 -2.09 14.56
CA GLY B 270 15.81 -2.04 15.76
C GLY B 270 16.32 -0.66 16.18
N LYS B 271 15.77 0.40 15.61
CA LYS B 271 16.11 1.78 15.96
C LYS B 271 15.00 2.37 16.87
N TRP B 272 15.26 2.29 18.17
CA TRP B 272 14.29 2.58 19.21
C TRP B 272 14.24 4.04 19.58
N CYS B 273 13.04 4.47 19.99
CA CYS B 273 12.79 5.78 20.55
C CYS B 273 11.93 5.61 21.79
N LYS B 274 12.10 6.54 22.71
CA LYS B 274 11.33 6.64 23.93
C LYS B 274 10.27 7.73 23.74
N PHE B 275 9.00 7.39 23.97
CA PHE B 275 7.90 8.33 23.86
C PHE B 275 7.40 8.64 25.25
N ASP B 276 7.72 9.86 25.70
CA ASP B 276 7.45 10.34 27.05
C ASP B 276 6.55 11.58 26.95
N ASP B 277 5.27 11.34 26.70
CA ASP B 277 4.31 12.38 26.34
C ASP B 277 4.86 13.24 25.21
N ASP B 278 5.19 14.49 25.49
CA ASP B 278 5.61 15.45 24.45
C ASP B 278 7.08 15.31 24.03
N VAL B 279 7.87 14.55 24.77
CA VAL B 279 9.29 14.37 24.48
C VAL B 279 9.57 13.00 23.85
N VAL B 280 10.01 12.99 22.60
CA VAL B 280 10.42 11.78 21.92
C VAL B 280 11.94 11.87 21.71
N SER B 281 12.67 10.84 22.13
CA SER B 281 14.12 10.83 21.99
C SER B 281 14.63 9.47 21.53
N ARG B 282 15.77 9.45 20.84
CA ARG B 282 16.45 8.20 20.52
C ARG B 282 16.90 7.53 21.82
N CYS B 283 16.90 6.20 21.82
CA CYS B 283 17.43 5.41 22.93
C CYS B 283 18.06 4.13 22.41
N THR B 284 18.79 3.44 23.28
CA THR B 284 19.38 2.14 22.92
C THR B 284 18.34 1.02 23.03
N LYS B 285 18.64 -0.12 22.42
CA LYS B 285 17.89 -1.37 22.61
C LYS B 285 17.79 -1.81 24.08
N GLU B 286 18.90 -1.71 24.80
CA GLU B 286 18.96 -2.12 26.20
C GLU B 286 18.01 -1.26 27.05
N GLU B 287 17.99 0.05 26.76
CA GLU B 287 17.06 0.98 27.42
C GLU B 287 15.60 0.64 27.15
N ALA B 288 15.31 0.12 25.95
CA ALA B 288 13.96 -0.23 25.59
C ALA B 288 13.58 -1.59 26.15
N ILE B 289 14.55 -2.49 26.24
CA ILE B 289 14.28 -3.90 26.47
C ILE B 289 14.74 -4.33 27.88
N GLU B 290 16.02 -4.62 28.07
CA GLU B 290 16.46 -5.22 29.35
C GLU B 290 16.28 -4.25 30.52
N HIS B 291 16.36 -2.94 30.28
CA HIS B 291 16.14 -1.93 31.33
C HIS B 291 14.70 -1.91 31.88
N ASN B 292 13.78 -2.56 31.19
CA ASN B 292 12.39 -2.67 31.59
C ASN B 292 11.99 -4.08 32.02
N TYR B 293 12.98 -4.92 32.30
CA TYR B 293 12.70 -6.24 32.84
C TYR B 293 12.15 -6.17 34.26
N GLY B 294 12.60 -5.17 35.03
CA GLY B 294 12.13 -4.97 36.40
C GLY B 294 12.98 -5.66 37.45
N GLY B 295 12.42 -5.75 38.65
CA GLY B 295 13.05 -6.41 39.78
C GLY B 295 13.01 -5.51 40.99
N HIS B 296 13.04 -6.13 42.17
CA HIS B 296 13.14 -5.40 43.44
C HIS B 296 14.63 -5.33 43.78
N ASP B 297 15.41 -4.79 42.83
CA ASP B 297 16.87 -4.98 42.80
C ASP B 297 17.47 -4.58 44.15
N ASP B 298 17.10 -3.40 44.63
CA ASP B 298 17.38 -2.99 46.01
C ASP B 298 16.04 -2.89 46.75
N ASP B 299 15.91 -3.65 47.83
CA ASP B 299 14.62 -3.83 48.53
C ASP B 299 14.12 -2.54 49.18
N LEU B 300 14.86 -2.07 50.19
CA LEU B 300 14.54 -0.81 50.89
C LEU B 300 15.30 0.39 50.28
N SER B 301 16.47 0.15 49.67
CA SER B 301 17.32 1.23 49.15
C SER B 301 16.80 1.93 47.87
N VAL B 302 16.01 1.23 47.05
CA VAL B 302 15.40 1.83 45.84
C VAL B 302 13.94 2.19 46.11
N ARG B 303 13.38 3.07 45.29
CA ARG B 303 12.06 3.69 45.55
C ARG B 303 10.93 3.26 44.60
N HIS B 304 11.24 2.93 43.35
CA HIS B 304 10.20 2.63 42.35
C HIS B 304 10.76 1.88 41.13
N CYS B 305 10.19 0.70 40.85
CA CYS B 305 10.68 -0.10 39.74
C CYS B 305 10.05 0.37 38.45
N THR B 306 10.83 0.28 37.39
CA THR B 306 10.42 0.64 36.05
C THR B 306 10.36 -0.68 35.29
N ASN B 307 9.21 -0.99 34.73
CA ASN B 307 9.04 -2.26 34.05
C ASN B 307 7.91 -2.24 33.01
N ALA B 308 7.98 -3.21 32.10
CA ALA B 308 7.00 -3.34 31.05
C ALA B 308 5.73 -3.95 31.60
N TYR B 309 4.58 -3.46 31.14
CA TYR B 309 3.28 -4.10 31.40
C TYR B 309 2.57 -4.60 30.14
N MET B 310 3.03 -4.17 28.96
CA MET B 310 2.47 -4.63 27.69
C MET B 310 3.55 -4.64 26.60
N LEU B 311 3.53 -5.69 25.78
CA LEU B 311 4.45 -5.83 24.66
C LEU B 311 3.67 -6.00 23.34
N VAL B 312 4.21 -5.41 22.27
CA VAL B 312 3.68 -5.63 20.94
C VAL B 312 4.78 -6.25 20.12
N TYR B 313 4.49 -7.43 19.58
CA TYR B 313 5.33 -8.11 18.60
C TYR B 313 4.64 -8.13 17.24
N ILE B 314 5.44 -8.10 16.19
CA ILE B 314 4.94 -8.27 14.82
C ILE B 314 5.58 -9.51 14.22
N ARG B 315 4.77 -10.34 13.59
CA ARG B 315 5.27 -11.53 12.90
C ARG B 315 6.19 -11.08 11.79
N GLU B 316 7.38 -11.68 11.77
CA GLU B 316 8.41 -11.37 10.78
C GLU B 316 7.93 -11.40 9.32
N SER B 317 7.21 -12.47 8.99
CA SER B 317 6.67 -12.66 7.65
C SER B 317 5.66 -11.56 7.27
N LYS B 318 5.14 -10.84 8.26
CA LYS B 318 4.12 -9.81 8.05
C LYS B 318 4.63 -8.38 8.23
N LEU B 319 5.90 -8.18 8.58
CA LEU B 319 6.42 -6.84 8.88
C LEU B 319 6.16 -5.80 7.82
N SER B 320 6.36 -6.16 6.56
CA SER B 320 6.23 -5.22 5.44
C SER B 320 4.76 -4.89 5.15
N GLU B 321 3.87 -5.85 5.38
CA GLU B 321 2.40 -5.61 5.42
C GLU B 321 1.95 -4.66 6.56
N VAL B 322 2.37 -4.99 7.78
CA VAL B 322 1.92 -4.31 8.96
C VAL B 322 2.49 -2.91 8.98
N LEU B 323 3.78 -2.80 8.62
CA LEU B 323 4.49 -1.53 8.62
C LEU B 323 4.69 -0.94 7.23
N GLN B 324 3.85 -1.33 6.28
CA GLN B 324 3.72 -0.66 4.96
C GLN B 324 3.71 0.87 5.16
N ALA B 325 4.52 1.57 4.37
CA ALA B 325 4.64 3.04 4.46
C ALA B 325 3.29 3.73 4.17
N VAL B 326 3.00 4.79 4.90
CA VAL B 326 1.73 5.51 4.73
C VAL B 326 1.94 6.67 3.78
N THR B 327 1.17 6.70 2.69
CA THR B 327 1.36 7.67 1.60
C THR B 327 0.14 8.56 1.47
N ASP B 328 0.25 9.58 0.64
CA ASP B 328 -0.86 10.51 0.37
C ASP B 328 -2.11 9.82 -0.16
N HIS B 329 -1.94 8.79 -1.00
CA HIS B 329 -3.06 7.93 -1.46
C HIS B 329 -3.93 7.40 -0.30
N ASP B 330 -3.29 7.08 0.83
CA ASP B 330 -3.98 6.53 2.00
C ASP B 330 -4.89 7.52 2.73
N ILE B 331 -4.62 8.82 2.60
CA ILE B 331 -5.43 9.86 3.23
C ILE B 331 -6.36 10.51 2.19
N PRO B 332 -7.68 10.21 2.25
CA PRO B 332 -8.57 10.87 1.29
C PRO B 332 -8.67 12.36 1.55
N GLN B 333 -8.76 13.11 0.45
CA GLN B 333 -8.86 14.58 0.50
C GLN B 333 -10.03 15.09 1.32
N GLN B 334 -11.16 14.39 1.26
CA GLN B 334 -12.32 14.66 2.11
C GLN B 334 -11.91 14.68 3.60
N LEU B 335 -11.10 13.70 4.02
CA LEU B 335 -10.59 13.67 5.41
C LEU B 335 -9.69 14.87 5.70
N VAL B 336 -8.72 15.12 4.81
CA VAL B 336 -7.80 16.27 4.95
C VAL B 336 -8.58 17.58 5.03
N GLU B 337 -9.63 17.69 4.21
CA GLU B 337 -10.50 18.86 4.22
C GLU B 337 -11.32 18.99 5.51
N ARG B 338 -11.96 17.90 5.94
CA ARG B 338 -12.75 17.94 7.18
C ARG B 338 -11.90 18.39 8.38
N LEU B 339 -10.68 17.85 8.49
CA LEU B 339 -9.79 18.17 9.60
C LEU B 339 -9.25 19.60 9.52
N GLN B 340 -8.81 20.01 8.32
CA GLN B 340 -8.35 21.38 8.10
C GLN B 340 -9.47 22.40 8.30
N GLU B 341 -10.71 22.03 8.00
CA GLU B 341 -11.85 22.92 8.24
C GLU B 341 -12.12 23.04 9.75
N GLU B 342 -12.02 21.93 10.46
CA GLU B 342 -12.24 21.93 11.91
C GLU B 342 -11.18 22.76 12.66
N LYS B 343 -9.96 22.79 12.13
CA LYS B 343 -8.89 23.60 12.73
C LYS B 343 -9.10 25.10 12.43
N ARG B 344 -9.72 25.42 11.30
CA ARG B 344 -10.06 26.81 10.93
C ARG B 344 -11.02 27.44 11.96
N ILE B 345 -12.09 26.72 12.30
CA ILE B 345 -13.08 27.20 13.28
C ILE B 345 -12.45 27.24 14.69
N GLU B 346 -11.88 26.12 15.11
CA GLU B 346 -11.44 25.94 16.49
C GLU B 346 -9.98 26.38 16.70
N ALA B 347 -9.68 27.65 16.43
CA ALA B 347 -8.34 28.21 16.63
C ALA B 347 -8.37 29.73 16.72
#